data_1D9D
#
_entry.id   1D9D
#
_cell.length_a   102.55
_cell.length_b   102.55
_cell.length_c   86.28
_cell.angle_alpha   90.00
_cell.angle_beta   90.00
_cell.angle_gamma   90.00
#
_symmetry.space_group_name_H-M   'P 43'
#
loop_
_entity.id
_entity.type
_entity.pdbx_description
1 polymer "5'-D(*TP*CP*GP)-R(AP*(U31)P*(C31))-3'"
2 polymer 'DNA POLYMERASE I'
3 non-polymer 'ZINC ION'
4 non-polymer 'MAGNESIUM ION'
5 non-polymer 'SULFATE ION'
6 water water
#
loop_
_entity_poly.entity_id
_entity_poly.type
_entity_poly.pdbx_seq_one_letter_code
_entity_poly.pdbx_strand_id
1 'polydeoxyribonucleotide/polyribonucleotide hybrid' (DT)(DC)(DG)(DA)(U31)(C31) B
2 'polypeptide(L)'
;MISYDNYVTILDEETLKAWIAKLEKAPVFAFDTETDSLDNISANLVGLSFAIEPGVAAYIPVAHDYLDAPDQISRERALE
LLKPLLEDEKALKVGQNLKYDRGILANYGIELRGIAFDTMLESYILNSVAGRHDMDSLAERWLKHKTITFEEIAGKGKNQ
LTFNQIALEEAGRYAAEDADVTLQLHLKMWPDLQKHKGPLNVFENIEMPLVPVLSRIERNGVKIDPKVLHNHSEELTLRL
AELEKKAHEIAGEEFNLSSTKQLQTILFEKQGIKPLKKTPGGAPSTSEEVLEELALDYPLPKVILEYRGLAKLKSTYTDK
LPLMINPKTGRVHTSYHQAVTATGRLSSTDPNLQNIPVRNEEGRRIRQAFIAPEDYVIVSADYSQIELRIMAHLSRDKGL
LTAFAEGKDIHRATAAEVFGLPLETVTSEQRRSAKAINFGLIYGMSAFGLARQLNIPRKEAQKYMDLYFERYPGVLEYME
RTRAQAKEQGYVETLDGRRLYLPDIKSSNGARRAAAERAAINAPMQGTAADIIKRAMIAVDAWLQAEQPRVRMIMQVHDE
LVFEVHKDDVDAVAKQIHQLMENCTRLDVPLLVEVGSGENWDQAH
;
A
#
loop_
_chem_comp.id
_chem_comp.type
_chem_comp.name
_chem_comp.formula
C31 RNA linking '2'-O-3-AMINOPROPYL CYTIDINE-5'-MONOPHOSPHATE' 'C12 H21 N4 O8 P'
DA DNA linking 2'-DEOXYADENOSINE-5'-MONOPHOSPHATE 'C10 H14 N5 O6 P'
DC DNA linking 2'-DEOXYCYTIDINE-5'-MONOPHOSPHATE 'C9 H14 N3 O7 P'
DG DNA linking 2'-DEOXYGUANOSINE-5'-MONOPHOSPHATE 'C10 H14 N5 O7 P'
DT DNA linking THYMIDINE-5'-MONOPHOSPHATE 'C10 H15 N2 O8 P'
MG non-polymer 'MAGNESIUM ION' 'Mg 2'
SO4 non-polymer 'SULFATE ION' 'O4 S -2'
U31 RNA linking '2'-O-3-AMINOPROPYL 2'-DEOXYURIDINE-5'-MONOPHOSPHATE' 'C12 H20 N3 O9 P'
ZN non-polymer 'ZINC ION' 'Zn 2'
#
# COMPACT_ATOMS: atom_id res chain seq x y z
P U31 A 5 -3.01 -10.49 -10.53
O1P U31 A 5 -2.06 -10.44 -11.64
O2P U31 A 5 -4.44 -10.48 -10.82
O5' U31 A 5 -2.70 -11.92 -9.96
O5' U31 A 5 -4.01 -5.22 -10.21
C5' U31 A 5 -2.74 -12.90 -11.02
C5' U31 A 5 -4.12 -6.51 -9.56
C4' U31 A 5 -3.10 -14.25 -10.61
C4' U31 A 5 -2.78 -7.05 -9.14
O4' U31 A 5 -3.91 -14.80 -11.65
O4' U31 A 5 -2.44 -6.60 -7.83
C3' U31 A 5 -1.83 -15.12 -10.65
C3' U31 A 5 -2.72 -8.56 -8.98
O3' U31 A 5 -2.25 -16.32 -9.92
O3' U31 A 5 -2.59 -9.25 -10.19
C2' U31 A 5 -1.75 -15.40 -12.18
C2' U31 A 5 -1.47 -8.75 -8.15
O2' U31 A 5 -0.68 -16.31 -12.43
C1' U31 A 5 -3.25 -15.78 -12.40
C1' U31 A 5 -1.49 -7.53 -7.26
N1 U31 A 5 -4.04 -15.87 -13.64
N1 U31 A 5 -1.85 -7.84 -5.88
C2 U31 A 5 -5.40 -16.05 -13.69
C2 U31 A 5 -2.85 -7.13 -5.29
O2 U31 A 5 -6.05 -16.17 -12.74
O2 U31 A 5 -3.50 -6.28 -5.87
N3 U31 A 5 -5.97 -16.19 -14.94
N3 U31 A 5 -3.06 -7.44 -3.97
C4 U31 A 5 -5.35 -16.13 -16.11
C4 U31 A 5 -2.38 -8.34 -3.20
O4 U31 A 5 -5.97 -16.31 -17.17
O4 U31 A 5 -2.70 -8.48 -2.00
C5 U31 A 5 -4.03 -15.86 -15.99
C5 U31 A 5 -1.37 -9.07 -3.88
C6 U31 A 5 -3.43 -15.70 -14.80
C6 U31 A 5 -1.14 -8.81 -5.18
CA' U31 A 5 0.49 -16.48 -11.48
CB' U31 A 5 0.64 -15.85 -10.19
CC U31 A 5 1.34 -16.62 -9.25
ND' U31 A 5 0.84 -16.53 -7.93
P C31 A 6 -2.56 -17.89 -10.05
P C31 A 6 -2.74 -10.85 -10.25
O1P C31 A 6 -2.20 -18.25 -8.52
O1P C31 A 6 -1.88 -11.54 -9.27
O2P C31 A 6 -1.62 -18.41 -11.03
O2P C31 A 6 -2.51 -11.11 -11.71
O5' C31 A 6 -3.98 -18.61 -10.29
O5' C31 A 6 -4.30 -11.12 -9.94
C5' C31 A 6 -5.19 -18.45 -9.38
C5' C31 A 6 -4.91 -10.90 -8.65
C4' C31 A 6 -5.08 -19.11 -8.05
C4' C31 A 6 -4.24 -11.78 -7.63
O4' C31 A 6 -5.51 -18.22 -7.01
O4' C31 A 6 -3.89 -10.96 -6.49
C3' C31 A 6 -5.87 -20.41 -7.96
C3' C31 A 6 -5.09 -12.91 -7.06
O3' C31 A 6 -5.05 -21.52 -7.62
O3' C31 A 6 -5.10 -14.07 -7.88
C2' C31 A 6 -6.84 -20.21 -6.78
C2' C31 A 6 -4.46 -13.13 -5.68
O2' C31 A 6 -6.52 -21.03 -5.68
O2' C31 A 6 -3.43 -14.10 -5.57
C1' C31 A 6 -6.68 -18.73 -6.42
C1' C31 A 6 -3.95 -11.73 -5.32
N1 C31 A 6 -7.83 -17.86 -6.75
N1 C31 A 6 -4.79 -11.06 -4.32
C2 C31 A 6 -7.69 -16.93 -7.78
C2 C31 A 6 -6.16 -11.29 -4.29
O2 C31 A 6 -6.67 -16.76 -8.39
O2 C31 A 6 -6.70 -12.05 -5.05
N3 C31 A 6 -8.82 -16.18 -8.03
N3 C31 A 6 -6.84 -10.61 -3.31
C4 C31 A 6 -10.03 -16.24 -7.38
C4 C31 A 6 -6.32 -9.74 -2.39
N4 C31 A 6 -10.94 -15.49 -7.75
N4 C31 A 6 -7.05 -9.23 -1.53
C5 C31 A 6 -10.10 -17.21 -6.34
C5 C31 A 6 -4.93 -9.56 -2.48
C6 C31 A 6 -9.02 -17.97 -6.06
C6 C31 A 6 -4.24 -10.21 -3.42
CA' C31 A 6 -7.50 -20.95 -4.65
CA' C31 A 6 -2.09 -13.68 -5.88
CB' C31 A 6 -8.69 -21.65 -4.96
CB' C31 A 6 -1.72 -14.06 -7.21
CC C31 A 6 -9.50 -21.49 -3.82
CC C31 A 6 -2.12 -15.40 -7.51
ND' C31 A 6 -10.78 -21.95 -4.03
ND' C31 A 6 -3.49 -15.64 -7.13
N MET B 1 -8.88 -20.89 -28.77
CA MET B 1 -9.20 -21.71 -27.58
C MET B 1 -8.00 -22.56 -27.14
N ILE B 2 -7.77 -22.61 -25.84
CA ILE B 2 -6.69 -23.42 -25.31
C ILE B 2 -7.31 -24.80 -25.11
N SER B 3 -6.70 -25.82 -25.71
CA SER B 3 -7.21 -27.19 -25.57
C SER B 3 -6.22 -27.98 -24.73
N TYR B 4 -6.34 -29.31 -24.78
CA TYR B 4 -5.45 -30.19 -24.04
C TYR B 4 -4.19 -30.50 -24.84
N ASP B 5 -4.15 -30.06 -26.09
CA ASP B 5 -3.00 -30.32 -26.94
C ASP B 5 -1.88 -29.30 -26.73
N ASN B 6 -2.24 -28.08 -26.35
CA ASN B 6 -1.26 -27.02 -26.17
C ASN B 6 -0.12 -27.33 -25.19
N TYR B 7 -0.49 -27.67 -23.97
CA TYR B 7 0.48 -27.92 -22.93
C TYR B 7 0.49 -29.32 -22.37
N VAL B 8 1.68 -29.78 -21.98
CA VAL B 8 1.81 -31.11 -21.43
C VAL B 8 1.47 -31.12 -19.96
N THR B 9 1.00 -32.27 -19.49
CA THR B 9 0.68 -32.47 -18.09
C THR B 9 1.67 -33.52 -17.62
N ILE B 10 2.57 -33.12 -16.73
CA ILE B 10 3.59 -34.02 -16.21
C ILE B 10 3.08 -34.85 -15.05
N LEU B 11 3.04 -36.16 -15.27
CA LEU B 11 2.54 -37.10 -14.27
C LEU B 11 3.59 -38.12 -13.84
N ASP B 12 4.78 -38.08 -14.43
CA ASP B 12 5.83 -39.01 -14.07
C ASP B 12 7.18 -38.33 -13.86
N GLU B 13 7.91 -38.81 -12.86
CA GLU B 13 9.24 -38.30 -12.50
C GLU B 13 10.19 -38.11 -13.67
N GLU B 14 10.33 -39.15 -14.49
CA GLU B 14 11.21 -39.12 -15.65
C GLU B 14 10.94 -37.87 -16.48
N THR B 15 9.67 -37.60 -16.75
CA THR B 15 9.32 -36.43 -17.54
C THR B 15 9.64 -35.16 -16.76
N LEU B 16 9.36 -35.16 -15.45
CA LEU B 16 9.66 -33.99 -14.63
C LEU B 16 11.16 -33.70 -14.73
N LYS B 17 11.98 -34.74 -14.56
CA LYS B 17 13.42 -34.56 -14.64
C LYS B 17 13.88 -34.05 -15.99
N ALA B 18 13.26 -34.52 -17.08
CA ALA B 18 13.65 -34.05 -18.40
C ALA B 18 13.39 -32.53 -18.47
N TRP B 19 12.31 -32.07 -17.86
CA TRP B 19 12.00 -30.64 -17.86
C TRP B 19 12.95 -29.85 -16.97
N ILE B 20 13.29 -30.42 -15.82
CA ILE B 20 14.20 -29.76 -14.89
C ILE B 20 15.54 -29.53 -15.58
N ALA B 21 15.97 -30.50 -16.39
CA ALA B 21 17.23 -30.36 -17.12
C ALA B 21 17.15 -29.22 -18.13
N LYS B 22 16.01 -29.10 -18.80
CA LYS B 22 15.84 -28.02 -19.78
C LYS B 22 15.75 -26.66 -19.07
N LEU B 23 14.99 -26.60 -17.98
CA LEU B 23 14.83 -25.36 -17.21
C LEU B 23 16.18 -24.88 -16.71
N GLU B 24 17.04 -25.82 -16.31
CA GLU B 24 18.36 -25.50 -15.81
C GLU B 24 19.25 -24.84 -16.85
N LYS B 25 19.00 -25.11 -18.13
CA LYS B 25 19.83 -24.47 -19.14
C LYS B 25 19.15 -23.33 -19.87
N ALA B 26 17.92 -23.03 -19.48
CA ALA B 26 17.19 -21.93 -20.10
C ALA B 26 17.68 -20.58 -19.55
N PRO B 27 17.69 -19.53 -20.40
CA PRO B 27 18.14 -18.20 -19.96
C PRO B 27 17.26 -17.66 -18.83
N VAL B 28 15.96 -17.85 -18.96
CA VAL B 28 14.98 -17.45 -17.96
C VAL B 28 13.82 -18.40 -18.18
N PHE B 29 12.93 -18.51 -17.21
CA PHE B 29 11.79 -19.37 -17.39
C PHE B 29 10.66 -18.90 -16.50
N ALA B 30 9.43 -19.09 -16.97
CA ALA B 30 8.27 -18.69 -16.20
C ALA B 30 7.99 -19.75 -15.15
N PHE B 31 7.57 -19.32 -13.97
CA PHE B 31 7.27 -20.22 -12.87
C PHE B 31 5.94 -19.78 -12.28
N ASP B 32 5.12 -20.74 -11.87
CA ASP B 32 3.83 -20.39 -11.29
C ASP B 32 3.35 -21.56 -10.43
N THR B 33 2.55 -21.26 -9.41
CA THR B 33 2.02 -22.30 -8.54
C THR B 33 0.50 -22.17 -8.51
N GLU B 34 -0.18 -23.24 -8.12
CA GLU B 34 -1.64 -23.22 -7.98
C GLU B 34 -1.92 -23.81 -6.62
N THR B 35 -2.89 -23.25 -5.92
CA THR B 35 -3.21 -23.72 -4.58
C THR B 35 -4.71 -23.92 -4.38
N ASP B 36 -5.09 -24.41 -3.20
CA ASP B 36 -6.49 -24.62 -2.90
C ASP B 36 -7.12 -23.46 -2.13
N SER B 37 -6.47 -22.31 -2.13
CA SER B 37 -7.00 -21.14 -1.41
C SER B 37 -6.19 -19.87 -1.66
N LEU B 38 -6.86 -18.73 -1.57
CA LEU B 38 -6.17 -17.45 -1.76
C LEU B 38 -5.36 -17.10 -0.52
N ASP B 39 -5.72 -17.71 0.60
CA ASP B 39 -5.00 -17.47 1.84
C ASP B 39 -3.64 -18.17 1.78
N ASN B 40 -2.61 -17.36 1.63
CA ASN B 40 -1.24 -17.84 1.50
C ASN B 40 -0.72 -18.71 2.64
N ILE B 41 -0.87 -18.28 3.89
CA ILE B 41 -0.35 -19.06 5.02
C ILE B 41 -0.99 -20.42 5.21
N SER B 42 -2.27 -20.56 4.86
CA SER B 42 -2.95 -21.84 5.05
C SER B 42 -3.22 -22.58 3.74
N ALA B 43 -2.89 -21.96 2.61
CA ALA B 43 -3.10 -22.59 1.32
C ALA B 43 -2.20 -23.80 1.17
N ASN B 44 -2.68 -24.79 0.43
CA ASN B 44 -1.90 -26.00 0.17
C ASN B 44 -1.55 -25.95 -1.30
N LEU B 45 -0.31 -26.30 -1.63
CA LEU B 45 0.12 -26.31 -3.02
C LEU B 45 -0.59 -27.46 -3.71
N VAL B 46 -1.18 -27.20 -4.88
CA VAL B 46 -1.90 -28.22 -5.62
C VAL B 46 -1.13 -28.60 -6.87
N GLY B 47 -0.35 -27.64 -7.37
CA GLY B 47 0.44 -27.87 -8.56
C GLY B 47 1.37 -26.74 -8.94
N LEU B 48 2.26 -27.00 -9.90
CA LEU B 48 3.20 -26.01 -10.37
C LEU B 48 3.20 -26.02 -11.88
N SER B 49 3.52 -24.87 -12.49
CA SER B 49 3.60 -24.81 -13.94
C SER B 49 4.88 -24.07 -14.32
N PHE B 50 5.39 -24.35 -15.52
CA PHE B 50 6.60 -23.71 -16.01
C PHE B 50 6.47 -23.48 -17.50
N ALA B 51 7.24 -22.53 -18.02
CA ALA B 51 7.27 -22.23 -19.43
C ALA B 51 8.73 -21.91 -19.72
N ILE B 52 9.34 -22.63 -20.66
CA ILE B 52 10.74 -22.41 -21.01
C ILE B 52 10.88 -21.60 -22.29
N GLU B 53 9.81 -21.59 -23.06
CA GLU B 53 9.83 -20.94 -24.35
C GLU B 53 8.38 -20.63 -24.70
N PRO B 54 8.13 -19.56 -25.45
CA PRO B 54 6.75 -19.24 -25.81
C PRO B 54 6.07 -20.46 -26.46
N GLY B 55 4.95 -20.90 -25.90
CA GLY B 55 4.24 -22.03 -26.46
C GLY B 55 4.72 -23.36 -25.92
N VAL B 56 5.77 -23.34 -25.09
CA VAL B 56 6.30 -24.57 -24.52
C VAL B 56 6.18 -24.44 -23.01
N ALA B 57 5.13 -25.04 -22.45
CA ALA B 57 4.91 -24.96 -21.01
C ALA B 57 4.30 -26.25 -20.48
N ALA B 58 4.42 -26.45 -19.17
CA ALA B 58 3.90 -27.66 -18.55
C ALA B 58 3.25 -27.44 -17.21
N TYR B 59 2.34 -28.34 -16.88
CA TYR B 59 1.68 -28.29 -15.58
C TYR B 59 2.02 -29.59 -14.88
N ILE B 60 2.38 -29.46 -13.61
CA ILE B 60 2.75 -30.61 -12.77
C ILE B 60 1.77 -30.65 -11.63
N PRO B 61 0.75 -31.53 -11.71
CA PRO B 61 -0.26 -31.67 -10.67
C PRO B 61 0.35 -32.51 -9.54
N VAL B 62 0.09 -32.15 -8.30
CA VAL B 62 0.64 -32.94 -7.21
C VAL B 62 -0.41 -33.27 -6.15
N ALA B 63 -1.43 -32.42 -6.01
CA ALA B 63 -2.44 -32.69 -5.00
C ALA B 63 -3.90 -32.62 -5.44
N HIS B 64 -4.20 -33.06 -6.65
CA HIS B 64 -5.60 -33.08 -7.07
C HIS B 64 -6.15 -34.35 -6.43
N ASP B 65 -7.25 -34.22 -5.70
CA ASP B 65 -7.80 -35.37 -5.02
C ASP B 65 -9.27 -35.66 -5.25
N TYR B 66 -9.77 -35.33 -6.43
CA TYR B 66 -11.18 -35.59 -6.73
C TYR B 66 -11.35 -37.09 -6.92
N LEU B 67 -12.59 -37.54 -6.96
CA LEU B 67 -12.90 -38.95 -7.13
C LEU B 67 -12.21 -39.53 -8.38
N ASP B 68 -11.41 -40.56 -8.17
CA ASP B 68 -10.67 -41.25 -9.23
C ASP B 68 -9.60 -40.43 -9.97
N ALA B 69 -9.03 -39.43 -9.31
CA ALA B 69 -7.99 -38.62 -9.94
C ALA B 69 -6.83 -39.55 -10.29
N PRO B 70 -6.25 -39.39 -11.50
CA PRO B 70 -5.12 -40.22 -11.92
C PRO B 70 -3.93 -40.05 -10.98
N ASP B 71 -3.02 -41.02 -10.99
CA ASP B 71 -1.83 -40.94 -10.14
C ASP B 71 -1.05 -39.70 -10.56
N GLN B 72 -0.48 -39.02 -9.56
CA GLN B 72 0.31 -37.82 -9.80
C GLN B 72 1.61 -37.94 -9.02
N ILE B 73 2.64 -37.19 -9.42
CA ILE B 73 3.88 -37.22 -8.66
C ILE B 73 3.45 -36.62 -7.33
N SER B 74 3.93 -37.15 -6.21
CA SER B 74 3.53 -36.61 -4.90
C SER B 74 4.09 -35.21 -4.67
N ARG B 75 3.38 -34.41 -3.88
CA ARG B 75 3.82 -33.04 -3.60
C ARG B 75 5.23 -33.05 -3.03
N GLU B 76 5.47 -33.91 -2.05
CA GLU B 76 6.78 -33.97 -1.43
C GLU B 76 7.88 -34.37 -2.41
N ARG B 77 7.56 -35.30 -3.30
CA ARG B 77 8.56 -35.75 -4.27
C ARG B 77 8.83 -34.72 -5.37
N ALA B 78 7.79 -34.01 -5.81
CA ALA B 78 7.98 -33.01 -6.84
C ALA B 78 8.80 -31.84 -6.28
N LEU B 79 8.49 -31.44 -5.05
CA LEU B 79 9.21 -30.35 -4.41
C LEU B 79 10.69 -30.64 -4.15
N GLU B 80 11.02 -31.85 -3.70
CA GLU B 80 12.41 -32.17 -3.44
C GLU B 80 13.23 -32.20 -4.73
N LEU B 81 12.60 -32.60 -5.83
CA LEU B 81 13.29 -32.61 -7.12
C LEU B 81 13.42 -31.19 -7.68
N LEU B 82 12.41 -30.37 -7.42
CA LEU B 82 12.38 -28.99 -7.91
C LEU B 82 13.15 -28.02 -7.02
N LYS B 83 13.27 -28.36 -5.75
CA LYS B 83 13.95 -27.50 -4.78
C LYS B 83 15.27 -26.87 -5.21
N PRO B 84 16.22 -27.68 -5.70
CA PRO B 84 17.50 -27.09 -6.12
C PRO B 84 17.30 -25.96 -7.12
N LEU B 85 16.55 -26.23 -8.19
CA LEU B 85 16.29 -25.23 -9.23
C LEU B 85 15.64 -23.97 -8.66
N LEU B 86 14.66 -24.17 -7.79
CA LEU B 86 13.93 -23.06 -7.17
C LEU B 86 14.78 -22.20 -6.23
N GLU B 87 15.64 -22.83 -5.43
CA GLU B 87 16.49 -22.12 -4.48
C GLU B 87 17.79 -21.62 -5.08
N ASP B 88 17.98 -21.82 -6.38
CA ASP B 88 19.19 -21.39 -7.08
C ASP B 88 19.05 -19.96 -7.58
N GLU B 89 19.72 -19.02 -6.91
CA GLU B 89 19.66 -17.61 -7.29
C GLU B 89 20.09 -17.37 -8.74
N LYS B 90 20.92 -18.26 -9.28
CA LYS B 90 21.39 -18.12 -10.65
C LYS B 90 20.36 -18.54 -11.69
N ALA B 91 19.33 -19.26 -11.27
CA ALA B 91 18.27 -19.69 -12.18
C ALA B 91 17.21 -18.60 -12.11
N LEU B 92 17.12 -17.80 -13.17
CA LEU B 92 16.18 -16.68 -13.18
C LEU B 92 14.74 -17.01 -13.55
N LYS B 93 13.82 -16.65 -12.66
CA LYS B 93 12.40 -16.88 -12.86
C LYS B 93 11.61 -15.62 -13.22
N VAL B 94 10.57 -15.82 -14.03
CA VAL B 94 9.65 -14.76 -14.44
C VAL B 94 8.32 -15.26 -13.88
N GLY B 95 7.52 -14.35 -13.34
CA GLY B 95 6.24 -14.76 -12.81
C GLY B 95 5.31 -13.56 -12.70
N GLN B 96 4.03 -13.82 -12.45
CA GLN B 96 3.04 -12.77 -12.29
C GLN B 96 2.72 -12.77 -10.80
N ASN B 97 3.11 -11.70 -10.11
CA ASN B 97 2.91 -11.58 -8.68
C ASN B 97 3.63 -12.71 -7.94
N LEU B 98 4.96 -12.73 -8.10
CA LEU B 98 5.82 -13.74 -7.48
C LEU B 98 5.75 -13.76 -5.96
N LYS B 99 5.23 -12.69 -5.37
CA LYS B 99 5.13 -12.62 -3.92
C LYS B 99 4.32 -13.81 -3.43
N TYR B 100 3.20 -14.07 -4.10
CA TYR B 100 2.32 -15.16 -3.73
C TYR B 100 3.03 -16.51 -3.82
N ASP B 101 3.68 -16.75 -4.95
CA ASP B 101 4.38 -18.01 -5.19
C ASP B 101 5.53 -18.25 -4.22
N ARG B 102 6.29 -17.20 -3.95
CA ARG B 102 7.40 -17.29 -3.04
C ARG B 102 6.84 -17.74 -1.69
N GLY B 103 5.69 -17.19 -1.31
CA GLY B 103 5.06 -17.56 -0.05
C GLY B 103 4.66 -19.01 0.05
N ILE B 104 4.03 -19.53 -1.01
CA ILE B 104 3.59 -20.93 -1.03
C ILE B 104 4.80 -21.86 -0.83
N LEU B 105 5.88 -21.60 -1.55
CA LEU B 105 7.07 -22.43 -1.43
C LEU B 105 7.63 -22.37 -0.01
N ALA B 106 7.46 -21.25 0.67
CA ALA B 106 7.95 -21.10 2.03
C ALA B 106 7.18 -22.01 3.00
N ASN B 107 5.95 -22.39 2.64
CA ASN B 107 5.19 -23.28 3.51
C ASN B 107 5.82 -24.68 3.51
N TYR B 108 6.79 -24.90 2.62
CA TYR B 108 7.44 -26.20 2.50
C TYR B 108 8.95 -26.18 2.76
N GLY B 109 9.44 -25.10 3.36
CA GLY B 109 10.85 -24.99 3.66
C GLY B 109 11.71 -24.71 2.44
N ILE B 110 11.11 -24.13 1.41
CA ILE B 110 11.82 -23.81 0.19
C ILE B 110 11.93 -22.29 0.04
N GLU B 111 13.14 -21.78 -0.18
CA GLU B 111 13.36 -20.35 -0.36
C GLU B 111 13.56 -20.04 -1.83
N LEU B 112 12.53 -19.45 -2.43
CA LEU B 112 12.59 -19.10 -3.84
C LEU B 112 13.59 -17.96 -4.03
N ARG B 113 14.59 -18.20 -4.87
CA ARG B 113 15.59 -17.20 -5.17
C ARG B 113 15.54 -17.03 -6.69
N GLY B 114 16.35 -16.11 -7.21
CA GLY B 114 16.34 -15.87 -8.64
C GLY B 114 15.05 -15.22 -9.06
N ILE B 115 14.42 -14.51 -8.13
CA ILE B 115 13.17 -13.80 -8.36
C ILE B 115 13.56 -12.56 -9.15
N ALA B 116 13.77 -12.75 -10.45
CA ALA B 116 14.22 -11.68 -11.33
C ALA B 116 13.18 -10.79 -11.99
N PHE B 117 12.10 -11.39 -12.50
CA PHE B 117 11.09 -10.62 -13.19
C PHE B 117 9.65 -10.94 -12.79
N ASP B 118 8.90 -9.88 -12.47
CA ASP B 118 7.50 -10.01 -12.10
C ASP B 118 6.76 -9.19 -13.15
N THR B 119 6.05 -9.85 -14.06
CA THR B 119 5.33 -9.13 -15.10
C THR B 119 4.36 -8.08 -14.54
N MET B 120 3.82 -8.34 -13.34
CA MET B 120 2.92 -7.38 -12.71
C MET B 120 3.68 -6.09 -12.45
N LEU B 121 4.91 -6.23 -11.94
CA LEU B 121 5.73 -5.07 -11.64
C LEU B 121 6.36 -4.46 -12.89
N GLU B 122 6.58 -5.27 -13.92
CA GLU B 122 7.14 -4.73 -15.15
C GLU B 122 6.09 -3.77 -15.70
N SER B 123 4.84 -4.23 -15.72
CA SER B 123 3.75 -3.40 -16.20
C SER B 123 3.60 -2.14 -15.36
N TYR B 124 3.51 -2.33 -14.05
CA TYR B 124 3.35 -1.23 -13.10
C TYR B 124 4.38 -0.12 -13.26
N ILE B 125 5.63 -0.51 -13.52
CA ILE B 125 6.68 0.48 -13.70
C ILE B 125 6.65 1.12 -15.08
N LEU B 126 6.26 0.37 -16.10
CA LEU B 126 6.17 0.91 -17.46
C LEU B 126 5.19 2.09 -17.44
N ASN B 127 4.01 1.87 -16.87
CA ASN B 127 3.01 2.93 -16.76
C ASN B 127 1.98 2.54 -15.73
N SER B 128 2.21 2.96 -14.48
CA SER B 128 1.33 2.66 -13.38
C SER B 128 -0.15 2.91 -13.64
N VAL B 129 -0.48 3.84 -14.53
CA VAL B 129 -1.88 4.12 -14.80
C VAL B 129 -2.40 3.67 -16.17
N ALA B 130 -1.67 2.77 -16.84
CA ALA B 130 -2.10 2.28 -18.14
C ALA B 130 -3.38 1.48 -18.02
N GLY B 131 -3.60 0.89 -16.84
CA GLY B 131 -4.77 0.09 -16.59
C GLY B 131 -4.43 -0.93 -15.50
N ARG B 132 -5.28 -1.93 -15.30
CA ARG B 132 -5.02 -2.95 -14.29
C ARG B 132 -3.75 -3.72 -14.65
N HIS B 133 -3.04 -4.20 -13.64
CA HIS B 133 -1.80 -4.92 -13.89
C HIS B 133 -1.88 -6.43 -13.61
N ASP B 134 -3.10 -6.95 -13.56
CA ASP B 134 -3.30 -8.38 -13.35
C ASP B 134 -2.99 -9.06 -14.67
N MET B 135 -2.62 -10.33 -14.62
CA MET B 135 -2.28 -11.05 -15.86
C MET B 135 -3.33 -11.04 -16.97
N ASP B 136 -4.60 -11.12 -16.63
CA ASP B 136 -5.65 -11.11 -17.64
C ASP B 136 -5.75 -9.79 -18.36
N SER B 137 -5.64 -8.70 -17.61
CA SER B 137 -5.70 -7.39 -18.24
C SER B 137 -4.45 -7.23 -19.09
N LEU B 138 -3.31 -7.69 -18.57
CA LEU B 138 -2.05 -7.58 -19.30
C LEU B 138 -2.02 -8.39 -20.58
N ALA B 139 -2.54 -9.61 -20.54
CA ALA B 139 -2.53 -10.45 -21.74
C ALA B 139 -3.34 -9.79 -22.85
N GLU B 140 -4.48 -9.21 -22.48
CA GLU B 140 -5.34 -8.55 -23.44
C GLU B 140 -4.71 -7.29 -24.02
N ARG B 141 -4.06 -6.50 -23.18
CA ARG B 141 -3.43 -5.25 -23.59
C ARG B 141 -2.18 -5.44 -24.45
N TRP B 142 -1.27 -6.30 -24.00
CA TRP B 142 -0.02 -6.53 -24.73
C TRP B 142 -0.04 -7.67 -25.73
N LEU B 143 -0.94 -8.63 -25.54
CA LEU B 143 -0.97 -9.78 -26.43
C LEU B 143 -2.25 -9.94 -27.26
N LYS B 144 -3.23 -9.08 -27.03
CA LYS B 144 -4.49 -9.17 -27.76
C LYS B 144 -4.96 -10.61 -27.60
N HIS B 145 -4.78 -11.14 -26.39
CA HIS B 145 -5.15 -12.51 -26.07
C HIS B 145 -5.98 -12.55 -24.79
N LYS B 146 -7.04 -13.36 -24.82
CA LYS B 146 -7.91 -13.50 -23.66
C LYS B 146 -7.62 -14.82 -22.95
N THR B 147 -7.12 -14.71 -21.72
CA THR B 147 -6.76 -15.87 -20.93
C THR B 147 -7.93 -16.62 -20.30
N ILE B 148 -7.67 -17.89 -19.98
CA ILE B 148 -8.68 -18.72 -19.34
C ILE B 148 -8.83 -18.16 -17.95
N THR B 149 -10.05 -17.85 -17.55
CA THR B 149 -10.29 -17.28 -16.23
C THR B 149 -10.43 -18.35 -15.16
N PHE B 150 -10.16 -18.01 -13.90
CA PHE B 150 -10.27 -18.99 -12.83
C PHE B 150 -11.71 -19.49 -12.77
N GLU B 151 -12.65 -18.56 -12.90
CA GLU B 151 -14.08 -18.87 -12.88
C GLU B 151 -14.44 -19.87 -13.99
N GLU B 152 -13.77 -19.76 -15.12
CA GLU B 152 -14.05 -20.66 -16.24
C GLU B 152 -13.77 -22.13 -15.94
N ILE B 153 -12.80 -22.40 -15.08
CA ILE B 153 -12.47 -23.78 -14.73
C ILE B 153 -12.98 -24.18 -13.35
N ALA B 154 -13.18 -23.22 -12.46
CA ALA B 154 -13.64 -23.54 -11.12
C ALA B 154 -15.11 -23.27 -10.86
N GLY B 155 -15.71 -22.37 -11.62
CA GLY B 155 -17.11 -22.05 -11.42
C GLY B 155 -17.24 -20.74 -10.65
N LYS B 156 -18.45 -20.45 -10.18
CA LYS B 156 -18.70 -19.22 -9.44
C LYS B 156 -19.52 -19.43 -8.18
N GLY B 157 -19.52 -18.41 -7.32
CA GLY B 157 -20.29 -18.48 -6.10
C GLY B 157 -19.84 -19.52 -5.10
N LYS B 158 -20.63 -19.65 -4.04
CA LYS B 158 -20.34 -20.59 -2.96
C LYS B 158 -20.02 -22.01 -3.39
N ASN B 159 -20.55 -22.45 -4.53
CA ASN B 159 -20.27 -23.81 -5.01
C ASN B 159 -19.06 -23.87 -5.92
N GLN B 160 -18.24 -22.84 -5.89
CA GLN B 160 -17.04 -22.80 -6.71
C GLN B 160 -16.07 -23.86 -6.20
N LEU B 161 -15.44 -24.56 -7.13
CA LEU B 161 -14.48 -25.61 -6.80
C LEU B 161 -13.16 -25.03 -6.34
N THR B 162 -12.38 -25.81 -5.58
CA THR B 162 -11.05 -25.38 -5.19
C THR B 162 -10.18 -26.12 -6.18
N PHE B 163 -9.02 -25.56 -6.52
CA PHE B 163 -8.15 -26.15 -7.52
C PHE B 163 -7.90 -27.66 -7.46
N ASN B 164 -7.84 -28.20 -6.25
CA ASN B 164 -7.60 -29.63 -6.09
C ASN B 164 -8.76 -30.49 -6.60
N GLN B 165 -9.92 -29.85 -6.84
CA GLN B 165 -11.09 -30.57 -7.31
C GLN B 165 -11.25 -30.53 -8.82
N ILE B 166 -10.40 -29.74 -9.47
CA ILE B 166 -10.49 -29.59 -10.92
C ILE B 166 -9.74 -30.69 -11.67
N ALA B 167 -10.32 -31.17 -12.77
CA ALA B 167 -9.70 -32.23 -13.54
C ALA B 167 -8.30 -31.83 -13.99
N LEU B 168 -7.37 -32.77 -13.87
CA LEU B 168 -5.99 -32.57 -14.25
C LEU B 168 -5.76 -31.74 -15.52
N GLU B 169 -6.42 -32.13 -16.61
CA GLU B 169 -6.27 -31.44 -17.88
C GLU B 169 -6.85 -30.04 -17.92
N GLU B 170 -7.98 -29.84 -17.26
CA GLU B 170 -8.60 -28.51 -17.21
C GLU B 170 -7.63 -27.62 -16.45
N ALA B 171 -7.19 -28.10 -15.29
CA ALA B 171 -6.25 -27.36 -14.46
C ALA B 171 -4.97 -27.06 -15.22
N GLY B 172 -4.52 -28.02 -16.02
CA GLY B 172 -3.31 -27.83 -16.80
C GLY B 172 -3.41 -26.73 -17.85
N ARG B 173 -4.56 -26.68 -18.53
CA ARG B 173 -4.81 -25.66 -19.55
C ARG B 173 -4.61 -24.29 -18.90
N TYR B 174 -5.32 -24.09 -17.79
CA TYR B 174 -5.28 -22.84 -17.03
C TYR B 174 -3.88 -22.49 -16.52
N ALA B 175 -3.25 -23.43 -15.82
CA ALA B 175 -1.92 -23.23 -15.24
C ALA B 175 -0.79 -23.10 -16.23
N ALA B 176 -0.74 -23.99 -17.22
CA ALA B 176 0.30 -23.92 -18.22
C ALA B 176 0.15 -22.59 -19.00
N GLU B 177 -1.08 -22.14 -19.21
CA GLU B 177 -1.31 -20.89 -19.92
C GLU B 177 -0.73 -19.73 -19.09
N ASP B 178 -0.97 -19.76 -17.79
CA ASP B 178 -0.46 -18.72 -16.91
C ASP B 178 1.03 -18.53 -17.11
N ALA B 179 1.77 -19.64 -17.11
CA ALA B 179 3.20 -19.62 -17.28
C ALA B 179 3.63 -19.14 -18.66
N ASP B 180 2.97 -19.67 -19.67
CA ASP B 180 3.26 -19.31 -21.06
C ASP B 180 3.02 -17.83 -21.33
N VAL B 181 1.85 -17.35 -20.93
CA VAL B 181 1.49 -15.95 -21.11
C VAL B 181 2.45 -15.06 -20.31
N THR B 182 2.76 -15.47 -19.09
CA THR B 182 3.68 -14.71 -18.26
C THR B 182 5.01 -14.51 -18.98
N LEU B 183 5.54 -15.59 -19.55
CA LEU B 183 6.82 -15.50 -20.25
C LEU B 183 6.68 -14.59 -21.48
N GLN B 184 5.58 -14.71 -22.21
CA GLN B 184 5.37 -13.87 -23.39
C GLN B 184 5.21 -12.40 -23.01
N LEU B 185 4.51 -12.15 -21.91
CA LEU B 185 4.32 -10.78 -21.45
C LEU B 185 5.70 -10.20 -21.14
N HIS B 186 6.54 -11.00 -20.48
CA HIS B 186 7.90 -10.59 -20.14
C HIS B 186 8.69 -10.24 -21.39
N LEU B 187 8.71 -11.15 -22.35
CA LEU B 187 9.43 -10.96 -23.60
C LEU B 187 9.05 -9.67 -24.33
N LYS B 188 7.81 -9.23 -24.14
CA LYS B 188 7.37 -7.99 -24.78
C LYS B 188 7.68 -6.77 -23.92
N MET B 189 7.45 -6.87 -22.61
CA MET B 189 7.69 -5.75 -21.70
C MET B 189 9.14 -5.48 -21.31
N TRP B 190 9.91 -6.52 -21.02
CA TRP B 190 11.30 -6.34 -20.61
C TRP B 190 12.12 -5.50 -21.60
N PRO B 191 11.98 -5.77 -22.91
CA PRO B 191 12.77 -4.97 -23.85
C PRO B 191 12.36 -3.49 -23.71
N ASP B 192 11.05 -3.26 -23.60
CA ASP B 192 10.51 -1.92 -23.44
C ASP B 192 11.02 -1.21 -22.20
N LEU B 193 11.05 -1.93 -21.08
CA LEU B 193 11.51 -1.37 -19.81
C LEU B 193 12.95 -0.86 -19.87
N GLN B 194 13.57 -0.97 -21.04
CA GLN B 194 14.95 -0.55 -21.16
C GLN B 194 15.15 0.74 -21.93
N LYS B 195 14.06 1.28 -22.47
CA LYS B 195 14.12 2.52 -23.22
C LYS B 195 14.42 3.69 -22.25
N HIS B 196 14.43 3.42 -20.95
CA HIS B 196 14.70 4.47 -19.96
C HIS B 196 15.34 3.94 -18.67
N LYS B 197 16.49 4.51 -18.33
CA LYS B 197 17.23 4.09 -17.15
C LYS B 197 16.57 4.42 -15.81
N GLY B 198 15.64 5.36 -15.81
CA GLY B 198 14.97 5.72 -14.57
C GLY B 198 14.05 4.59 -14.11
N PRO B 199 13.03 4.26 -14.90
CA PRO B 199 12.08 3.19 -14.57
C PRO B 199 12.80 1.88 -14.35
N LEU B 200 13.80 1.63 -15.20
CA LEU B 200 14.59 0.41 -15.11
C LEU B 200 15.24 0.33 -13.73
N ASN B 201 15.73 1.46 -13.23
CA ASN B 201 16.36 1.49 -11.91
C ASN B 201 15.36 1.16 -10.83
N VAL B 202 14.19 1.78 -10.91
CA VAL B 202 13.15 1.53 -9.92
C VAL B 202 12.68 0.08 -9.94
N PHE B 203 12.52 -0.48 -11.14
CA PHE B 203 12.08 -1.86 -11.29
C PHE B 203 13.09 -2.84 -10.69
N GLU B 204 14.34 -2.68 -11.12
CA GLU B 204 15.47 -3.51 -10.70
C GLU B 204 15.94 -3.43 -9.26
N ASN B 205 16.11 -2.22 -8.76
CA ASN B 205 16.65 -2.06 -7.42
C ASN B 205 15.67 -1.76 -6.34
N ILE B 206 14.42 -1.53 -6.72
CA ILE B 206 13.40 -1.23 -5.74
C ILE B 206 12.24 -2.23 -5.75
N GLU B 207 11.50 -2.28 -6.86
CA GLU B 207 10.35 -3.18 -6.92
C GLU B 207 10.66 -4.68 -6.83
N MET B 208 11.52 -5.19 -7.69
CA MET B 208 11.83 -6.62 -7.66
C MET B 208 12.39 -7.11 -6.33
N PRO B 209 13.37 -6.40 -5.75
CA PRO B 209 13.92 -6.85 -4.48
C PRO B 209 12.88 -6.84 -3.35
N LEU B 210 11.88 -5.98 -3.46
CA LEU B 210 10.86 -5.87 -2.42
C LEU B 210 9.87 -7.04 -2.46
N VAL B 211 9.85 -7.81 -3.55
CA VAL B 211 8.91 -8.91 -3.65
C VAL B 211 8.99 -9.89 -2.47
N PRO B 212 10.16 -10.51 -2.26
CA PRO B 212 10.24 -11.44 -1.12
C PRO B 212 10.10 -10.76 0.25
N VAL B 213 10.49 -9.50 0.38
CA VAL B 213 10.35 -8.89 1.70
C VAL B 213 8.88 -8.63 2.02
N LEU B 214 8.06 -8.36 0.99
CA LEU B 214 6.63 -8.16 1.25
C LEU B 214 5.99 -9.49 1.64
N SER B 215 6.49 -10.57 1.05
CA SER B 215 6.00 -11.91 1.32
C SER B 215 6.22 -12.24 2.79
N ARG B 216 7.43 -11.96 3.27
CA ARG B 216 7.76 -12.22 4.67
C ARG B 216 6.94 -11.36 5.62
N ILE B 217 6.71 -10.10 5.27
CA ILE B 217 5.90 -9.24 6.14
C ILE B 217 4.47 -9.78 6.22
N GLU B 218 3.89 -10.10 5.07
CA GLU B 218 2.52 -10.61 5.03
C GLU B 218 2.40 -11.92 5.80
N ARG B 219 3.34 -12.84 5.57
CA ARG B 219 3.31 -14.13 6.24
C ARG B 219 3.64 -14.05 7.73
N ASN B 220 4.37 -13.01 8.13
CA ASN B 220 4.70 -12.81 9.54
C ASN B 220 3.40 -12.45 10.25
N GLY B 221 2.64 -11.55 9.61
CA GLY B 221 1.38 -11.12 10.17
C GLY B 221 1.57 -10.21 11.38
N VAL B 222 0.47 -9.88 12.04
CA VAL B 222 0.52 -9.01 13.21
C VAL B 222 -0.37 -9.60 14.29
N LYS B 223 0.05 -9.44 15.54
CA LYS B 223 -0.67 -9.96 16.70
C LYS B 223 -1.76 -8.99 17.15
N ILE B 224 -3.00 -9.47 17.16
CA ILE B 224 -4.12 -8.65 17.57
C ILE B 224 -4.84 -9.27 18.77
N ASP B 225 -5.19 -8.45 19.75
CA ASP B 225 -5.88 -8.94 20.94
C ASP B 225 -7.38 -8.84 20.71
N PRO B 226 -8.03 -9.98 20.40
CA PRO B 226 -9.47 -9.95 20.16
C PRO B 226 -10.31 -9.54 21.38
N LYS B 227 -9.77 -9.69 22.58
CA LYS B 227 -10.50 -9.29 23.79
C LYS B 227 -10.67 -7.77 23.81
N VAL B 228 -9.55 -7.08 23.62
CA VAL B 228 -9.53 -5.63 23.62
C VAL B 228 -10.51 -5.09 22.58
N LEU B 229 -10.46 -5.64 21.37
CA LEU B 229 -11.37 -5.22 20.31
C LEU B 229 -12.82 -5.46 20.67
N HIS B 230 -13.09 -6.60 21.29
CA HIS B 230 -14.45 -6.94 21.69
C HIS B 230 -14.98 -5.99 22.77
N ASN B 231 -14.15 -5.68 23.78
CA ASN B 231 -14.57 -4.76 24.82
C ASN B 231 -14.80 -3.39 24.23
N HIS B 232 -14.01 -3.06 23.21
CA HIS B 232 -14.12 -1.78 22.54
C HIS B 232 -15.48 -1.77 21.84
N SER B 233 -15.80 -2.85 21.15
CA SER B 233 -17.06 -2.97 20.44
C SER B 233 -18.26 -2.78 21.37
N GLU B 234 -18.24 -3.50 22.49
CA GLU B 234 -19.33 -3.41 23.47
C GLU B 234 -19.45 -1.98 23.97
N GLU B 235 -18.32 -1.37 24.28
CA GLU B 235 -18.33 0.01 24.77
C GLU B 235 -18.86 0.97 23.72
N LEU B 236 -18.56 0.69 22.46
CA LEU B 236 -19.02 1.53 21.36
C LEU B 236 -20.53 1.40 21.18
N THR B 237 -21.06 0.23 21.54
CA THR B 237 -22.50 0.00 21.43
C THR B 237 -23.18 0.87 22.48
N LEU B 238 -22.61 0.90 23.69
CA LEU B 238 -23.14 1.70 24.78
C LEU B 238 -23.03 3.19 24.51
N ARG B 239 -21.90 3.60 23.93
CA ARG B 239 -21.68 5.01 23.63
C ARG B 239 -22.60 5.47 22.50
N LEU B 240 -22.84 4.60 21.52
CA LEU B 240 -23.71 4.95 20.41
C LEU B 240 -25.14 5.12 20.92
N ALA B 241 -25.54 4.27 21.86
CA ALA B 241 -26.88 4.36 22.42
C ALA B 241 -27.02 5.67 23.18
N GLU B 242 -26.01 6.01 23.98
CA GLU B 242 -26.01 7.25 24.75
C GLU B 242 -26.08 8.49 23.86
N LEU B 243 -25.30 8.48 22.79
CA LEU B 243 -25.28 9.59 21.85
C LEU B 243 -26.62 9.75 21.16
N GLU B 244 -27.31 8.63 20.94
CA GLU B 244 -28.61 8.66 20.30
C GLU B 244 -29.53 9.42 21.23
N LYS B 245 -29.41 9.12 22.53
CA LYS B 245 -30.22 9.78 23.53
C LYS B 245 -29.84 11.26 23.64
N LYS B 246 -28.54 11.54 23.70
CA LYS B 246 -28.09 12.93 23.79
C LYS B 246 -28.61 13.75 22.61
N ALA B 247 -28.69 13.12 21.44
CA ALA B 247 -29.18 13.82 20.26
C ALA B 247 -30.68 14.04 20.39
N HIS B 248 -31.38 13.00 20.83
CA HIS B 248 -32.83 13.06 21.03
C HIS B 248 -33.13 14.16 22.04
N GLU B 249 -32.38 14.14 23.13
CA GLU B 249 -32.54 15.10 24.22
C GLU B 249 -32.25 16.55 23.83
N ILE B 250 -31.27 16.76 22.96
CA ILE B 250 -30.93 18.11 22.53
C ILE B 250 -32.05 18.66 21.66
N ALA B 251 -32.76 17.76 21.00
CA ALA B 251 -33.88 18.14 20.15
C ALA B 251 -35.15 17.67 20.86
N GLY B 252 -36.08 17.14 20.08
CA GLY B 252 -37.31 16.62 20.66
C GLY B 252 -37.63 15.35 19.91
N GLU B 253 -38.33 14.42 20.55
CA GLU B 253 -38.71 13.15 19.92
C GLU B 253 -37.50 12.34 19.47
N GLU B 254 -37.77 11.18 18.89
CA GLU B 254 -36.74 10.30 18.37
C GLU B 254 -36.56 10.65 16.90
N PHE B 255 -35.49 10.13 16.30
CA PHE B 255 -35.21 10.38 14.88
C PHE B 255 -33.87 9.72 14.55
N ASN B 256 -33.67 9.42 13.28
CA ASN B 256 -32.41 8.79 12.86
C ASN B 256 -31.35 9.88 12.74
N LEU B 257 -30.09 9.46 12.63
CA LEU B 257 -29.00 10.42 12.54
C LEU B 257 -28.47 10.58 11.11
N SER B 258 -29.41 10.69 10.17
CA SER B 258 -29.09 10.84 8.74
C SER B 258 -29.49 12.20 8.19
N SER B 259 -28.53 12.90 7.56
CA SER B 259 -28.81 14.21 6.97
C SER B 259 -29.68 14.09 5.71
N THR B 260 -30.01 15.23 5.12
CA THR B 260 -30.86 15.30 3.93
C THR B 260 -32.06 14.33 4.02
N LYS B 261 -32.49 14.08 5.25
CA LYS B 261 -33.63 13.22 5.54
C LYS B 261 -34.27 13.65 6.85
N GLN B 262 -33.59 13.39 7.96
CA GLN B 262 -34.11 13.72 9.28
C GLN B 262 -33.41 14.91 9.95
N LEU B 263 -32.09 15.03 9.72
CA LEU B 263 -31.30 16.09 10.33
C LEU B 263 -31.58 17.51 9.86
N GLN B 264 -31.67 17.70 8.55
CA GLN B 264 -31.92 19.02 8.00
C GLN B 264 -33.25 19.57 8.51
N THR B 265 -34.16 18.67 8.79
CA THR B 265 -35.50 19.03 9.29
C THR B 265 -35.45 19.47 10.75
N ILE B 266 -34.38 19.09 11.46
CA ILE B 266 -34.22 19.47 12.86
C ILE B 266 -33.28 20.64 12.93
N LEU B 267 -32.05 20.41 12.47
CA LEU B 267 -30.98 21.40 12.47
C LEU B 267 -31.36 22.79 11.97
N PHE B 268 -31.95 22.84 10.78
CA PHE B 268 -32.32 24.11 10.17
C PHE B 268 -33.71 24.62 10.55
N GLU B 269 -34.63 23.70 10.84
CA GLU B 269 -35.97 24.12 11.25
C GLU B 269 -35.84 24.88 12.57
N LYS B 270 -34.73 24.66 13.27
CA LYS B 270 -34.48 25.33 14.54
C LYS B 270 -33.34 26.35 14.40
N GLN B 271 -33.16 26.83 13.17
CA GLN B 271 -32.14 27.83 12.81
C GLN B 271 -30.82 27.25 12.31
N GLY B 272 -30.35 27.79 11.18
CA GLY B 272 -29.12 27.36 10.55
C GLY B 272 -29.33 27.43 9.06
N ILE B 273 -28.28 27.71 8.28
CA ILE B 273 -28.45 27.83 6.83
C ILE B 273 -28.60 26.51 6.07
N LYS B 274 -29.72 26.44 5.34
CA LYS B 274 -30.18 25.32 4.52
C LYS B 274 -29.27 24.24 3.87
N PRO B 275 -28.11 24.61 3.28
CA PRO B 275 -27.28 23.57 2.66
C PRO B 275 -26.79 22.45 3.60
N LEU B 276 -27.11 21.20 3.26
CA LEU B 276 -26.72 20.04 4.07
C LEU B 276 -25.23 19.70 3.90
N LYS B 277 -24.71 18.85 4.80
CA LYS B 277 -23.31 18.46 4.76
C LYS B 277 -23.09 17.09 4.12
N LYS B 278 -22.43 17.07 2.97
CA LYS B 278 -22.15 15.84 2.24
C LYS B 278 -21.00 15.05 2.89
N THR B 279 -21.19 13.75 3.04
CA THR B 279 -20.19 12.88 3.63
C THR B 279 -19.17 12.43 2.58
N PRO B 284 -15.87 17.25 -2.17
CA PRO B 284 -17.20 17.61 -1.58
C PRO B 284 -17.16 17.59 -0.06
N SER B 285 -16.89 16.41 0.50
CA SER B 285 -16.83 16.20 1.94
C SER B 285 -15.77 17.04 2.66
N THR B 286 -14.50 16.84 2.29
CA THR B 286 -13.39 17.57 2.92
C THR B 286 -13.15 18.95 2.30
N SER B 287 -14.21 19.57 1.78
CA SER B 287 -14.11 20.89 1.16
C SER B 287 -15.17 21.83 1.67
N GLU B 288 -16.31 21.28 2.10
CA GLU B 288 -17.42 22.06 2.63
C GLU B 288 -18.30 21.19 3.50
N GLU B 289 -17.75 20.69 4.62
CA GLU B 289 -18.51 19.84 5.51
C GLU B 289 -19.39 20.65 6.44
N VAL B 290 -20.63 20.88 6.01
CA VAL B 290 -21.62 21.66 6.75
C VAL B 290 -21.77 21.30 8.23
N LEU B 291 -21.85 20.00 8.53
CA LEU B 291 -22.00 19.54 9.90
C LEU B 291 -20.89 19.99 10.84
N GLU B 292 -19.64 19.89 10.38
CA GLU B 292 -18.54 20.28 11.26
C GLU B 292 -18.38 21.79 11.48
N GLU B 293 -18.89 22.61 10.57
CA GLU B 293 -18.80 24.06 10.77
C GLU B 293 -19.70 24.31 11.96
N LEU B 294 -20.98 24.02 11.76
CA LEU B 294 -22.02 24.18 12.77
C LEU B 294 -21.53 23.73 14.14
N ALA B 295 -20.72 22.66 14.12
CA ALA B 295 -20.16 22.06 15.33
C ALA B 295 -19.52 23.04 16.32
N LEU B 296 -19.10 24.21 15.85
CA LEU B 296 -18.47 25.17 16.73
C LEU B 296 -19.42 25.87 17.69
N ASP B 297 -20.72 25.73 17.46
CA ASP B 297 -21.72 26.33 18.34
C ASP B 297 -22.93 25.43 18.49
N TYR B 298 -23.40 24.87 17.37
CA TYR B 298 -24.56 23.97 17.40
C TYR B 298 -24.12 22.58 17.88
N PRO B 299 -24.73 22.09 18.97
CA PRO B 299 -24.42 20.77 19.56
C PRO B 299 -24.94 19.54 18.81
N LEU B 300 -26.06 19.68 18.10
CA LEU B 300 -26.62 18.54 17.38
C LEU B 300 -25.69 18.03 16.28
N PRO B 301 -25.23 18.92 15.39
CA PRO B 301 -24.34 18.46 14.33
C PRO B 301 -23.09 17.80 14.90
N LYS B 302 -22.70 18.22 16.10
CA LYS B 302 -21.52 17.69 16.76
C LYS B 302 -21.68 16.24 17.21
N VAL B 303 -22.81 15.91 17.84
CA VAL B 303 -23.03 14.55 18.30
C VAL B 303 -23.39 13.58 17.17
N ILE B 304 -24.04 14.11 16.13
CA ILE B 304 -24.43 13.31 14.98
C ILE B 304 -23.16 12.92 14.23
N LEU B 305 -22.27 13.90 14.14
CA LEU B 305 -21.00 13.74 13.46
C LEU B 305 -20.20 12.67 14.20
N GLU B 306 -20.16 12.77 15.52
CA GLU B 306 -19.43 11.84 16.35
C GLU B 306 -20.10 10.46 16.36
N TYR B 307 -21.40 10.46 16.15
CA TYR B 307 -22.18 9.22 16.11
C TYR B 307 -21.80 8.40 14.88
N ARG B 308 -21.82 9.04 13.71
CA ARG B 308 -21.48 8.37 12.47
C ARG B 308 -20.06 7.83 12.48
N GLY B 309 -19.14 8.66 12.97
CA GLY B 309 -17.75 8.28 13.03
C GLY B 309 -17.51 7.02 13.85
N LEU B 310 -18.16 6.95 15.01
CA LEU B 310 -18.00 5.78 15.85
C LEU B 310 -18.67 4.55 15.25
N ALA B 311 -19.84 4.75 14.64
CA ALA B 311 -20.56 3.63 14.02
C ALA B 311 -19.76 3.03 12.88
N LYS B 312 -19.12 3.89 12.10
CA LYS B 312 -18.32 3.46 10.97
C LYS B 312 -17.07 2.71 11.46
N LEU B 313 -16.47 3.25 12.50
CA LEU B 313 -15.26 2.69 13.09
C LEU B 313 -15.50 1.31 13.67
N LYS B 314 -16.64 1.16 14.33
CA LYS B 314 -17.03 -0.10 14.96
C LYS B 314 -17.23 -1.23 13.97
N SER B 315 -17.90 -0.94 12.86
CA SER B 315 -18.17 -1.97 11.85
C SER B 315 -16.98 -2.25 10.96
N THR B 316 -16.08 -1.28 10.84
CA THR B 316 -14.93 -1.44 9.97
C THR B 316 -13.72 -2.09 10.63
N TYR B 317 -13.44 -1.72 11.87
CA TYR B 317 -12.27 -2.26 12.56
C TYR B 317 -12.57 -3.06 13.82
N THR B 318 -13.43 -2.53 14.67
CA THR B 318 -13.72 -3.22 15.91
C THR B 318 -14.42 -4.56 15.69
N ASP B 319 -15.41 -4.60 14.80
CA ASP B 319 -16.16 -5.83 14.54
C ASP B 319 -15.55 -6.74 13.46
N LYS B 320 -14.76 -6.17 12.55
CA LYS B 320 -14.14 -6.94 11.46
C LYS B 320 -12.80 -7.58 11.80
N LEU B 321 -11.92 -6.77 12.37
CA LEU B 321 -10.57 -7.20 12.72
C LEU B 321 -10.46 -8.56 13.41
N PRO B 322 -11.22 -8.78 14.50
CA PRO B 322 -11.14 -10.07 15.20
C PRO B 322 -11.46 -11.26 14.29
N LEU B 323 -12.30 -11.03 13.29
CA LEU B 323 -12.70 -12.06 12.35
C LEU B 323 -11.58 -12.38 11.36
N MET B 324 -10.58 -11.50 11.29
CA MET B 324 -9.47 -11.68 10.35
C MET B 324 -8.32 -12.50 10.93
N ILE B 325 -8.44 -12.91 12.18
CA ILE B 325 -7.39 -13.70 12.79
C ILE B 325 -7.34 -15.06 12.09
N ASN B 326 -6.17 -15.41 11.58
CA ASN B 326 -6.00 -16.68 10.90
C ASN B 326 -5.84 -17.77 11.96
N PRO B 327 -6.69 -18.81 11.90
CA PRO B 327 -6.67 -19.93 12.85
C PRO B 327 -5.34 -20.67 12.91
N LYS B 328 -4.60 -20.65 11.81
CA LYS B 328 -3.32 -21.35 11.77
C LYS B 328 -2.17 -20.64 12.49
N THR B 329 -2.16 -19.32 12.45
CA THR B 329 -1.09 -18.56 13.09
C THR B 329 -1.54 -17.78 14.32
N GLY B 330 -2.85 -17.56 14.43
CA GLY B 330 -3.35 -16.79 15.54
C GLY B 330 -3.03 -15.31 15.33
N ARG B 331 -2.68 -14.96 14.10
CA ARG B 331 -2.34 -13.58 13.77
C ARG B 331 -3.13 -13.06 12.58
N VAL B 332 -3.02 -11.76 12.31
CA VAL B 332 -3.73 -11.15 11.19
C VAL B 332 -2.74 -10.88 10.08
N HIS B 333 -3.11 -11.29 8.88
CA HIS B 333 -2.26 -11.15 7.71
C HIS B 333 -2.83 -10.18 6.68
N THR B 334 -2.38 -8.93 6.73
CA THR B 334 -2.87 -7.94 5.77
C THR B 334 -2.32 -8.20 4.39
N SER B 335 -3.04 -7.72 3.39
CA SER B 335 -2.60 -7.87 2.00
C SER B 335 -2.02 -6.54 1.52
N TYR B 336 -0.77 -6.57 1.14
CA TYR B 336 -0.11 -5.40 0.60
C TYR B 336 -0.21 -5.50 -0.91
N HIS B 337 -0.45 -4.38 -1.56
CA HIS B 337 -0.57 -4.37 -3.01
C HIS B 337 0.54 -3.49 -3.55
N GLN B 338 1.44 -4.10 -4.31
CA GLN B 338 2.59 -3.40 -4.84
C GLN B 338 2.39 -2.71 -6.17
N ALA B 339 1.28 -2.99 -6.84
CA ALA B 339 1.02 -2.38 -8.14
C ALA B 339 -0.39 -1.84 -8.29
N VAL B 340 -0.80 -0.93 -7.40
CA VAL B 340 -2.13 -0.36 -7.47
C VAL B 340 -2.16 1.17 -7.45
N THR B 341 -1.39 1.79 -6.57
CA THR B 341 -1.40 3.25 -6.50
C THR B 341 -0.74 3.89 -7.72
N ALA B 342 -1.21 5.08 -8.08
CA ALA B 342 -0.67 5.80 -9.22
C ALA B 342 0.75 6.29 -8.95
N THR B 343 1.02 6.65 -7.69
CA THR B 343 2.33 7.20 -7.31
C THR B 343 3.45 6.26 -6.89
N GLY B 344 3.13 5.01 -6.57
CA GLY B 344 4.18 4.09 -6.18
C GLY B 344 4.15 3.65 -4.72
N ARG B 345 3.26 4.24 -3.94
CA ARG B 345 3.14 3.87 -2.54
C ARG B 345 2.45 2.52 -2.47
N LEU B 346 2.73 1.76 -1.42
CA LEU B 346 2.10 0.46 -1.22
C LEU B 346 0.71 0.73 -0.68
N SER B 347 -0.25 -0.13 -1.02
CA SER B 347 -1.59 0.03 -0.51
C SER B 347 -1.81 -1.19 0.36
N SER B 348 -2.86 -1.16 1.17
CA SER B 348 -3.13 -2.25 2.08
C SER B 348 -4.62 -2.53 2.21
N THR B 349 -4.99 -3.81 2.27
CA THR B 349 -6.38 -4.21 2.44
C THR B 349 -6.50 -5.42 3.37
N ASP B 350 -7.64 -5.52 4.04
CA ASP B 350 -7.93 -6.62 4.96
C ASP B 350 -6.85 -6.93 5.98
N PRO B 351 -6.57 -5.99 6.89
CA PRO B 351 -7.24 -4.70 6.97
C PRO B 351 -6.47 -3.59 6.25
N ASN B 352 -7.16 -2.47 6.04
CA ASN B 352 -6.54 -1.32 5.41
C ASN B 352 -5.97 -0.56 6.59
N LEU B 353 -4.70 -0.83 6.91
CA LEU B 353 -4.03 -0.18 8.02
C LEU B 353 -4.02 1.34 7.95
N GLN B 354 -3.97 1.88 6.74
CA GLN B 354 -3.91 3.33 6.60
C GLN B 354 -5.20 4.10 6.87
N ASN B 355 -6.35 3.42 6.85
CA ASN B 355 -7.61 4.10 7.13
C ASN B 355 -7.97 4.11 8.61
N ILE B 356 -7.08 3.60 9.45
CA ILE B 356 -7.32 3.61 10.89
C ILE B 356 -7.03 5.02 11.35
N PRO B 357 -8.04 5.72 11.89
CA PRO B 357 -7.84 7.10 12.36
C PRO B 357 -6.51 7.34 13.05
N VAL B 358 -5.79 8.36 12.59
CA VAL B 358 -4.49 8.70 13.16
C VAL B 358 -4.64 9.67 14.32
N ARG B 359 -5.19 10.85 14.05
CA ARG B 359 -5.39 11.83 15.11
C ARG B 359 -6.84 11.78 15.58
N ASN B 360 -7.07 10.82 16.48
CA ASN B 360 -8.37 10.56 17.06
C ASN B 360 -8.06 9.56 18.18
N GLU B 361 -8.85 9.56 19.24
CA GLU B 361 -8.59 8.62 20.30
C GLU B 361 -9.06 7.21 19.98
N GLU B 362 -10.23 7.10 19.36
CA GLU B 362 -10.74 5.78 19.03
C GLU B 362 -9.78 5.06 18.09
N GLY B 363 -9.13 5.82 17.20
CA GLY B 363 -8.17 5.22 16.31
C GLY B 363 -7.04 4.68 17.17
N ARG B 364 -6.74 5.42 18.23
CA ARG B 364 -5.67 5.04 19.15
C ARG B 364 -6.00 3.72 19.84
N ARG B 365 -7.27 3.49 20.14
CA ARG B 365 -7.66 2.25 20.80
C ARG B 365 -7.63 1.06 19.84
N ILE B 366 -7.86 1.32 18.57
CA ILE B 366 -7.79 0.25 17.58
C ILE B 366 -6.34 -0.23 17.62
N ARG B 367 -5.41 0.71 17.52
CA ARG B 367 -4.00 0.38 17.52
C ARG B 367 -3.54 -0.31 18.80
N GLN B 368 -4.20 -0.03 19.92
CA GLN B 368 -3.83 -0.67 21.18
C GLN B 368 -4.07 -2.18 21.10
N ALA B 369 -4.91 -2.60 20.16
CA ALA B 369 -5.21 -4.01 19.98
C ALA B 369 -4.10 -4.71 19.20
N PHE B 370 -3.17 -3.94 18.64
CA PHE B 370 -2.05 -4.50 17.90
C PHE B 370 -0.94 -4.65 18.93
N ILE B 371 -0.80 -5.86 19.45
CA ILE B 371 0.16 -6.16 20.51
C ILE B 371 1.38 -6.99 20.16
N ALA B 372 2.37 -6.89 21.03
CA ALA B 372 3.60 -7.64 20.86
C ALA B 372 3.46 -8.92 21.66
N PRO B 373 3.98 -10.04 21.13
CA PRO B 373 3.88 -11.29 21.88
C PRO B 373 4.72 -11.18 23.15
N GLU B 374 4.59 -12.17 24.02
CA GLU B 374 5.33 -12.20 25.28
C GLU B 374 6.83 -12.02 25.10
N ASP B 375 7.42 -11.15 25.92
CA ASP B 375 8.85 -10.84 25.92
C ASP B 375 9.34 -10.05 24.71
N TYR B 376 8.40 -9.48 23.96
CA TYR B 376 8.73 -8.66 22.80
C TYR B 376 8.04 -7.33 22.94
N VAL B 377 8.43 -6.36 22.13
CA VAL B 377 7.79 -5.06 22.17
C VAL B 377 7.58 -4.63 20.73
N ILE B 378 6.64 -3.71 20.54
CA ILE B 378 6.38 -3.19 19.21
C ILE B 378 7.29 -1.98 19.07
N VAL B 379 8.04 -1.94 17.96
CA VAL B 379 8.93 -0.82 17.70
C VAL B 379 8.47 -0.12 16.42
N SER B 380 8.29 1.19 16.49
CA SER B 380 7.85 1.97 15.35
C SER B 380 8.94 2.92 14.86
N ALA B 381 9.28 2.82 13.58
CA ALA B 381 10.30 3.65 12.96
C ALA B 381 9.59 4.53 11.91
N ASP B 382 9.54 5.83 12.18
CA ASP B 382 8.86 6.76 11.31
C ASP B 382 9.76 7.81 10.66
N TYR B 383 9.53 8.08 9.38
CA TYR B 383 10.29 9.11 8.67
C TYR B 383 9.52 10.41 8.93
N SER B 384 10.02 11.23 9.84
CA SER B 384 9.35 12.49 10.15
C SER B 384 9.17 13.35 8.91
N GLN B 385 7.92 13.75 8.66
CA GLN B 385 7.52 14.57 7.52
C GLN B 385 8.44 14.43 6.32
N ILE B 386 8.58 13.20 5.86
CA ILE B 386 9.43 12.90 4.74
C ILE B 386 9.04 13.67 3.47
N GLU B 387 7.75 13.83 3.22
CA GLU B 387 7.32 14.54 2.01
C GLU B 387 7.67 16.02 2.03
N LEU B 388 7.61 16.64 3.20
CA LEU B 388 7.94 18.05 3.33
C LEU B 388 9.46 18.20 3.15
N ARG B 389 10.22 17.24 3.66
CA ARG B 389 11.67 17.28 3.51
C ARG B 389 12.01 17.13 2.03
N ILE B 390 11.24 16.30 1.35
CA ILE B 390 11.47 16.07 -0.07
C ILE B 390 11.13 17.31 -0.89
N MET B 391 10.08 18.01 -0.52
CA MET B 391 9.71 19.22 -1.24
C MET B 391 10.81 20.26 -1.01
N ALA B 392 11.35 20.28 0.20
CA ALA B 392 12.42 21.22 0.52
C ALA B 392 13.56 20.96 -0.44
N HIS B 393 13.90 19.68 -0.62
CA HIS B 393 14.98 19.29 -1.51
C HIS B 393 14.68 19.62 -2.97
N LEU B 394 13.51 19.20 -3.43
CA LEU B 394 13.11 19.44 -4.82
C LEU B 394 13.02 20.92 -5.16
N SER B 395 12.76 21.76 -4.17
CA SER B 395 12.64 23.18 -4.43
C SER B 395 13.94 23.93 -4.15
N ARG B 396 14.96 23.20 -3.71
CA ARG B 396 16.27 23.78 -3.42
C ARG B 396 16.19 25.03 -2.56
N ASP B 397 15.18 25.07 -1.70
CA ASP B 397 14.98 26.23 -0.83
C ASP B 397 15.83 26.20 0.44
N LYS B 398 16.84 27.08 0.47
CA LYS B 398 17.75 27.18 1.60
C LYS B 398 17.04 27.43 2.91
N GLY B 399 15.88 28.07 2.85
CA GLY B 399 15.12 28.37 4.04
C GLY B 399 14.60 27.11 4.72
N LEU B 400 13.78 26.36 3.99
CA LEU B 400 13.21 25.11 4.52
C LEU B 400 14.33 24.15 4.88
N LEU B 401 15.30 24.01 3.98
CA LEU B 401 16.44 23.13 4.18
C LEU B 401 17.16 23.47 5.48
N THR B 402 17.34 24.77 5.74
CA THR B 402 18.01 25.18 6.97
C THR B 402 17.15 24.88 8.18
N ALA B 403 15.83 25.08 8.06
CA ALA B 403 14.93 24.80 9.17
C ALA B 403 15.08 23.34 9.61
N PHE B 404 15.10 22.41 8.65
CA PHE B 404 15.26 21.00 8.98
C PHE B 404 16.67 20.77 9.51
N ALA B 405 17.64 21.41 8.88
CA ALA B 405 19.03 21.26 9.27
C ALA B 405 19.26 21.61 10.75
N GLU B 406 18.59 22.63 11.26
CA GLU B 406 18.78 22.97 12.68
C GLU B 406 17.73 22.36 13.59
N GLY B 407 16.99 21.39 13.08
CA GLY B 407 15.98 20.71 13.86
C GLY B 407 14.80 21.54 14.33
N LYS B 408 14.40 22.53 13.54
CA LYS B 408 13.27 23.34 13.93
C LYS B 408 11.96 22.75 13.40
N ASP B 409 10.86 23.13 14.03
CA ASP B 409 9.52 22.72 13.65
C ASP B 409 9.25 23.45 12.34
N ILE B 410 9.28 22.76 11.19
CA ILE B 410 9.06 23.49 9.94
C ILE B 410 7.76 24.26 9.84
N HIS B 411 6.75 23.86 10.59
CA HIS B 411 5.50 24.59 10.54
C HIS B 411 5.64 25.91 11.30
N ARG B 412 6.39 25.89 12.40
CA ARG B 412 6.62 27.11 13.16
C ARG B 412 7.68 27.96 12.44
N ALA B 413 8.65 27.32 11.81
CA ALA B 413 9.69 28.04 11.08
C ALA B 413 9.03 28.76 9.92
N THR B 414 8.13 28.06 9.26
CA THR B 414 7.39 28.60 8.11
C THR B 414 6.50 29.75 8.54
N ALA B 415 5.78 29.58 9.65
CA ALA B 415 4.89 30.62 10.15
C ALA B 415 5.69 31.87 10.53
N ALA B 416 6.86 31.67 11.13
CA ALA B 416 7.72 32.78 11.53
C ALA B 416 8.14 33.62 10.33
N GLU B 417 8.18 33.01 9.16
CA GLU B 417 8.57 33.70 7.95
C GLU B 417 7.36 34.32 7.23
N VAL B 418 6.28 33.56 7.13
CA VAL B 418 5.07 34.01 6.47
C VAL B 418 4.39 35.13 7.25
N PHE B 419 4.46 35.07 8.57
CA PHE B 419 3.83 36.07 9.41
C PHE B 419 4.82 37.06 10.00
N GLY B 420 6.11 36.79 9.78
CA GLY B 420 7.16 37.67 10.26
C GLY B 420 7.22 37.92 11.75
N LEU B 421 7.62 36.91 12.51
CA LEU B 421 7.75 37.04 13.96
C LEU B 421 8.76 36.00 14.45
N PRO B 422 9.27 36.18 15.67
CA PRO B 422 10.24 35.22 16.22
C PRO B 422 9.64 33.82 16.33
N LEU B 423 10.46 32.81 16.08
CA LEU B 423 10.01 31.42 16.15
C LEU B 423 9.40 31.06 17.50
N GLU B 424 9.95 31.59 18.59
CA GLU B 424 9.42 31.28 19.92
C GLU B 424 8.01 31.80 20.12
N THR B 425 7.71 32.93 19.49
CA THR B 425 6.38 33.51 19.68
C THR B 425 5.28 33.00 18.77
N VAL B 426 5.62 32.29 17.69
CA VAL B 426 4.58 31.80 16.79
C VAL B 426 3.51 31.07 17.58
N THR B 427 2.28 31.50 17.36
CA THR B 427 1.10 30.97 18.04
C THR B 427 0.60 29.68 17.39
N SER B 428 -0.28 28.99 18.10
CA SER B 428 -0.85 27.75 17.61
C SER B 428 -1.63 27.97 16.32
N GLU B 429 -2.27 29.12 16.24
CA GLU B 429 -3.06 29.46 15.07
C GLU B 429 -2.19 29.72 13.85
N GLN B 430 -1.01 30.30 14.08
CA GLN B 430 -0.09 30.60 12.98
C GLN B 430 0.58 29.30 12.53
N ARG B 431 0.81 28.40 13.48
CA ARG B 431 1.43 27.13 13.16
C ARG B 431 0.44 26.33 12.32
N ARG B 432 -0.82 26.38 12.73
CA ARG B 432 -1.89 25.67 12.03
C ARG B 432 -2.09 26.22 10.62
N SER B 433 -1.90 27.52 10.44
CA SER B 433 -2.06 28.14 9.13
C SER B 433 -0.91 27.76 8.20
N ALA B 434 0.30 27.72 8.74
CA ALA B 434 1.47 27.37 7.96
C ALA B 434 1.42 25.90 7.59
N LYS B 435 0.99 25.07 8.54
CA LYS B 435 0.88 23.63 8.33
C LYS B 435 -0.08 23.34 7.17
N ALA B 436 -1.21 24.03 7.14
CA ALA B 436 -2.18 23.83 6.09
C ALA B 436 -1.56 24.23 4.75
N ILE B 437 -0.79 25.32 4.77
CA ILE B 437 -0.13 25.81 3.56
C ILE B 437 0.86 24.76 3.05
N ASN B 438 1.73 24.32 3.95
CA ASN B 438 2.74 23.33 3.62
C ASN B 438 2.17 22.08 3.00
N PHE B 439 1.29 21.40 3.73
CA PHE B 439 0.70 20.18 3.21
C PHE B 439 -0.28 20.45 2.07
N GLY B 440 -0.65 21.71 1.88
CA GLY B 440 -1.54 22.05 0.79
C GLY B 440 -0.71 22.12 -0.47
N LEU B 441 0.53 22.56 -0.34
CA LEU B 441 1.43 22.67 -1.47
C LEU B 441 1.75 21.28 -2.05
N ILE B 442 1.85 20.30 -1.17
CA ILE B 442 2.16 18.92 -1.57
C ILE B 442 1.07 18.34 -2.46
N TYR B 443 -0.18 18.56 -2.07
CA TYR B 443 -1.31 18.07 -2.84
C TYR B 443 -1.71 19.12 -3.88
N GLY B 444 -0.89 20.17 -3.97
CA GLY B 444 -1.11 21.23 -4.92
C GLY B 444 -2.44 21.97 -4.79
N MET B 445 -2.88 22.21 -3.57
CA MET B 445 -4.15 22.89 -3.35
C MET B 445 -4.17 24.40 -3.64
N SER B 446 -5.37 24.90 -3.86
CA SER B 446 -5.63 26.31 -4.19
C SER B 446 -5.80 27.20 -2.96
N ALA B 447 -5.51 28.48 -3.12
CA ALA B 447 -5.64 29.45 -2.04
C ALA B 447 -7.04 29.37 -1.45
N PHE B 448 -8.00 29.05 -2.30
CA PHE B 448 -9.39 28.93 -1.88
C PHE B 448 -9.55 27.66 -1.05
N GLY B 449 -8.92 26.58 -1.50
CA GLY B 449 -8.98 25.32 -0.78
C GLY B 449 -8.37 25.54 0.59
N LEU B 450 -7.26 26.26 0.63
CA LEU B 450 -6.56 26.57 1.87
C LEU B 450 -7.55 27.27 2.79
N ALA B 451 -8.35 28.16 2.20
CA ALA B 451 -9.35 28.89 2.97
C ALA B 451 -10.45 27.98 3.50
N ARG B 452 -10.95 27.09 2.66
CA ARG B 452 -12.01 26.16 3.08
C ARG B 452 -11.53 25.18 4.14
N GLN B 453 -10.23 25.09 4.34
CA GLN B 453 -9.67 24.18 5.35
C GLN B 453 -9.24 25.00 6.55
N LEU B 454 -9.00 26.29 6.34
CA LEU B 454 -8.55 27.19 7.39
C LEU B 454 -9.66 28.06 7.97
N ASN B 455 -10.83 28.04 7.31
CA ASN B 455 -11.99 28.83 7.73
C ASN B 455 -11.73 30.33 7.73
N ILE B 456 -11.06 30.80 6.70
CA ILE B 456 -10.76 32.22 6.54
C ILE B 456 -11.28 32.60 5.17
N PRO B 457 -11.48 33.91 4.94
CA PRO B 457 -11.97 34.37 3.64
C PRO B 457 -10.96 34.17 2.52
N ARG B 458 -11.47 34.03 1.29
CA ARG B 458 -10.62 33.87 0.12
C ARG B 458 -9.72 35.10 0.06
N LYS B 459 -8.66 35.03 -0.72
CA LYS B 459 -7.73 36.15 -0.87
C LYS B 459 -7.03 36.53 0.44
N GLU B 460 -7.53 36.00 1.56
CA GLU B 460 -6.91 36.21 2.87
C GLU B 460 -5.95 35.03 2.87
N ALA B 461 -6.42 33.95 2.23
CA ALA B 461 -5.66 32.72 2.08
C ALA B 461 -4.68 32.99 0.95
N GLN B 462 -5.15 33.72 -0.06
CA GLN B 462 -4.33 34.08 -1.19
C GLN B 462 -3.18 34.93 -0.68
N LYS B 463 -3.49 35.74 0.34
CA LYS B 463 -2.52 36.62 0.97
C LYS B 463 -1.43 35.77 1.60
N TYR B 464 -1.84 34.77 2.38
CA TYR B 464 -0.89 33.88 3.04
C TYR B 464 -0.02 33.15 2.02
N MET B 465 -0.62 32.73 0.91
CA MET B 465 0.11 32.01 -0.11
C MET B 465 1.09 32.87 -0.89
N ASP B 466 0.75 34.15 -1.07
CA ASP B 466 1.65 35.04 -1.78
C ASP B 466 2.83 35.35 -0.87
N LEU B 467 2.56 35.43 0.42
CA LEU B 467 3.60 35.70 1.41
C LEU B 467 4.56 34.52 1.49
N TYR B 468 4.01 33.32 1.38
CA TYR B 468 4.80 32.11 1.44
C TYR B 468 5.79 32.02 0.28
N PHE B 469 5.30 32.24 -0.93
CA PHE B 469 6.16 32.16 -2.11
C PHE B 469 7.22 33.26 -2.15
N GLU B 470 6.91 34.41 -1.57
CA GLU B 470 7.88 35.52 -1.54
C GLU B 470 9.04 35.11 -0.64
N ARG B 471 8.71 34.45 0.46
CA ARG B 471 9.70 34.02 1.43
C ARG B 471 10.33 32.69 1.01
N TYR B 472 9.58 31.86 0.30
CA TYR B 472 10.08 30.57 -0.17
C TYR B 472 9.89 30.49 -1.68
N PRO B 473 10.66 31.30 -2.43
CA PRO B 473 10.64 31.39 -3.89
C PRO B 473 10.93 30.06 -4.58
N GLY B 474 11.79 29.25 -3.97
CA GLY B 474 12.15 27.97 -4.54
C GLY B 474 10.99 27.01 -4.71
N VAL B 475 10.01 27.06 -3.82
CA VAL B 475 8.86 26.18 -3.91
C VAL B 475 7.96 26.51 -5.09
N LEU B 476 7.79 27.80 -5.38
CA LEU B 476 6.95 28.19 -6.50
C LEU B 476 7.67 27.78 -7.77
N GLU B 477 8.97 28.03 -7.80
CA GLU B 477 9.78 27.68 -8.95
C GLU B 477 9.75 26.17 -9.21
N TYR B 478 9.78 25.38 -8.16
CA TYR B 478 9.72 23.94 -8.32
C TYR B 478 8.38 23.59 -8.96
N MET B 479 7.32 24.17 -8.40
CA MET B 479 5.98 23.92 -8.90
C MET B 479 5.80 24.32 -10.35
N GLU B 480 6.26 25.51 -10.70
CA GLU B 480 6.12 25.97 -12.07
C GLU B 480 6.94 25.08 -12.99
N ARG B 481 8.14 24.73 -12.55
CA ARG B 481 9.01 23.87 -13.33
C ARG B 481 8.44 22.45 -13.54
N THR B 482 7.78 21.92 -12.51
CA THR B 482 7.19 20.58 -12.58
C THR B 482 5.98 20.52 -13.50
N ARG B 483 5.14 21.55 -13.46
CA ARG B 483 3.97 21.56 -14.32
C ARG B 483 4.42 21.74 -15.76
N ALA B 484 5.56 22.42 -15.94
CA ALA B 484 6.10 22.66 -17.27
C ALA B 484 6.45 21.35 -17.96
N GLN B 485 7.32 20.57 -17.34
CA GLN B 485 7.76 19.30 -17.92
C GLN B 485 6.59 18.32 -18.01
N ALA B 486 5.61 18.46 -17.12
CA ALA B 486 4.46 17.57 -17.15
C ALA B 486 3.76 17.71 -18.50
N LYS B 487 3.63 18.95 -18.96
CA LYS B 487 2.99 19.22 -20.25
C LYS B 487 3.93 18.95 -21.42
N GLU B 488 5.23 19.08 -21.17
CA GLU B 488 6.23 18.85 -22.20
C GLU B 488 6.40 17.37 -22.52
N GLN B 489 6.68 16.56 -21.49
CA GLN B 489 6.89 15.13 -21.69
C GLN B 489 5.73 14.21 -21.32
N GLY B 490 4.64 14.76 -20.80
CA GLY B 490 3.50 13.93 -20.44
C GLY B 490 3.62 13.12 -19.16
N TYR B 491 4.69 13.33 -18.40
CA TYR B 491 4.89 12.60 -17.15
C TYR B 491 5.87 13.31 -16.22
N VAL B 492 5.79 12.97 -14.93
CA VAL B 492 6.72 13.53 -13.95
C VAL B 492 7.47 12.34 -13.35
N GLU B 493 8.63 12.61 -12.75
CA GLU B 493 9.45 11.56 -12.18
C GLU B 493 9.78 11.80 -10.72
N THR B 494 10.19 10.73 -10.04
CA THR B 494 10.61 10.80 -8.65
C THR B 494 12.13 10.85 -8.75
N LEU B 495 12.80 10.96 -7.61
CA LEU B 495 14.26 11.02 -7.58
C LEU B 495 14.94 9.77 -8.12
N ASP B 496 14.33 8.60 -7.89
CA ASP B 496 14.91 7.36 -8.37
C ASP B 496 14.56 7.03 -9.82
N GLY B 497 13.68 7.81 -10.43
CA GLY B 497 13.34 7.56 -11.82
C GLY B 497 11.95 6.99 -12.06
N ARG B 498 11.18 6.83 -11.00
CA ARG B 498 9.83 6.31 -11.09
C ARG B 498 8.95 7.35 -11.79
N ARG B 499 8.10 6.91 -12.70
CA ARG B 499 7.25 7.84 -13.44
C ARG B 499 5.75 7.74 -13.23
N LEU B 500 5.10 8.89 -13.35
CA LEU B 500 3.64 8.97 -13.27
C LEU B 500 3.22 9.64 -14.57
N TYR B 501 2.51 8.92 -15.41
CA TYR B 501 2.07 9.49 -16.67
C TYR B 501 0.81 10.32 -16.44
N LEU B 502 0.74 11.46 -17.11
CA LEU B 502 -0.37 12.38 -16.96
C LEU B 502 -1.07 12.68 -18.29
N PRO B 503 -2.00 11.81 -18.70
CA PRO B 503 -2.77 11.91 -19.94
C PRO B 503 -3.69 13.12 -20.06
N ASP B 504 -4.23 13.60 -18.94
CA ASP B 504 -5.12 14.75 -18.97
C ASP B 504 -4.38 16.05 -18.73
N ILE B 505 -3.06 16.02 -18.84
CA ILE B 505 -2.27 17.21 -18.60
C ILE B 505 -2.65 18.34 -19.58
N LYS B 506 -3.38 17.98 -20.63
CA LYS B 506 -3.84 18.94 -21.63
C LYS B 506 -5.30 18.70 -21.97
N SER B 507 -5.95 17.89 -21.13
CA SER B 507 -7.35 17.50 -21.29
C SER B 507 -8.35 18.46 -21.93
N SER B 508 -8.05 19.76 -21.94
CA SER B 508 -8.96 20.77 -22.50
C SER B 508 -10.14 20.89 -21.53
N ASN B 509 -10.42 19.78 -20.84
CA ASN B 509 -11.47 19.74 -19.84
C ASN B 509 -10.80 20.42 -18.65
N GLY B 510 -11.43 21.46 -18.13
CA GLY B 510 -10.84 22.18 -17.00
C GLY B 510 -10.61 21.33 -15.75
N ALA B 511 -11.66 20.67 -15.29
CA ALA B 511 -11.56 19.84 -14.09
C ALA B 511 -10.49 18.76 -14.23
N ARG B 512 -10.45 18.10 -15.37
CA ARG B 512 -9.47 17.03 -15.60
C ARG B 512 -8.04 17.56 -15.68
N ARG B 513 -7.85 18.66 -16.40
CA ARG B 513 -6.51 19.21 -16.52
C ARG B 513 -6.08 19.83 -15.21
N ALA B 514 -7.05 20.17 -14.37
CA ALA B 514 -6.75 20.74 -13.06
C ALA B 514 -6.14 19.60 -12.26
N ALA B 515 -6.86 18.48 -12.24
CA ALA B 515 -6.43 17.29 -11.53
C ALA B 515 -5.04 16.86 -11.97
N ALA B 516 -4.85 16.78 -13.28
CA ALA B 516 -3.56 16.35 -13.84
C ALA B 516 -2.43 17.29 -13.44
N GLU B 517 -2.75 18.55 -13.17
CA GLU B 517 -1.73 19.50 -12.79
C GLU B 517 -1.38 19.34 -11.31
N ARG B 518 -2.35 18.94 -10.50
CA ARG B 518 -2.11 18.69 -9.09
C ARG B 518 -1.26 17.42 -8.92
N ALA B 519 -1.54 16.42 -9.75
CA ALA B 519 -0.79 15.17 -9.70
C ALA B 519 0.65 15.41 -10.13
N ALA B 520 0.84 16.33 -11.07
CA ALA B 520 2.19 16.63 -11.54
C ALA B 520 3.07 17.12 -10.41
N ILE B 521 2.52 18.00 -9.58
CA ILE B 521 3.23 18.57 -8.45
C ILE B 521 3.44 17.57 -7.31
N ASN B 522 2.39 16.81 -7.03
CA ASN B 522 2.40 15.84 -5.95
C ASN B 522 3.20 14.55 -6.14
N ALA B 523 3.04 13.91 -7.30
CA ALA B 523 3.73 12.65 -7.58
C ALA B 523 5.20 12.60 -7.23
N PRO B 524 5.98 13.62 -7.64
CA PRO B 524 7.40 13.60 -7.33
C PRO B 524 7.70 13.50 -5.83
N MET B 525 6.88 14.13 -5.01
CA MET B 525 7.12 14.07 -3.57
C MET B 525 6.59 12.77 -2.97
N GLN B 526 5.37 12.38 -3.34
CA GLN B 526 4.79 11.15 -2.82
C GLN B 526 5.52 9.92 -3.35
N GLY B 527 5.89 9.97 -4.63
CA GLY B 527 6.60 8.86 -5.23
C GLY B 527 7.97 8.68 -4.61
N THR B 528 8.67 9.79 -4.36
CA THR B 528 9.99 9.71 -3.76
C THR B 528 9.90 9.18 -2.34
N ALA B 529 8.85 9.56 -1.62
CA ALA B 529 8.66 9.07 -0.26
C ALA B 529 8.55 7.55 -0.32
N ALA B 530 7.73 7.08 -1.28
CA ALA B 530 7.54 5.65 -1.48
C ALA B 530 8.85 4.95 -1.82
N ASP B 531 9.60 5.48 -2.78
CA ASP B 531 10.86 4.85 -3.16
C ASP B 531 11.79 4.69 -1.96
N ILE B 532 11.83 5.72 -1.12
CA ILE B 532 12.69 5.73 0.07
C ILE B 532 12.24 4.66 1.05
N ILE B 533 10.93 4.60 1.28
CA ILE B 533 10.35 3.63 2.18
C ILE B 533 10.64 2.20 1.69
N LYS B 534 10.48 1.96 0.39
CA LYS B 534 10.75 0.64 -0.16
C LYS B 534 12.22 0.27 -0.01
N ARG B 535 13.11 1.21 -0.30
CA ARG B 535 14.55 0.95 -0.17
C ARG B 535 14.93 0.62 1.26
N ALA B 536 14.23 1.22 2.22
CA ALA B 536 14.50 0.97 3.63
C ALA B 536 14.07 -0.46 3.99
N MET B 537 12.89 -0.84 3.50
CA MET B 537 12.37 -2.18 3.75
C MET B 537 13.34 -3.21 3.23
N ILE B 538 13.87 -2.97 2.04
CA ILE B 538 14.82 -3.88 1.45
C ILE B 538 16.09 -3.92 2.30
N ALA B 539 16.61 -2.76 2.69
CA ALA B 539 17.81 -2.70 3.50
C ALA B 539 17.60 -3.36 4.85
N VAL B 540 16.50 -3.04 5.51
CA VAL B 540 16.21 -3.64 6.80
C VAL B 540 16.03 -5.16 6.70
N ASP B 541 15.29 -5.60 5.68
CA ASP B 541 15.06 -7.03 5.50
C ASP B 541 16.37 -7.77 5.25
N ALA B 542 17.28 -7.15 4.52
CA ALA B 542 18.58 -7.76 4.22
C ALA B 542 19.38 -7.99 5.50
N TRP B 543 19.32 -7.02 6.41
CA TRP B 543 20.03 -7.11 7.67
C TRP B 543 19.39 -8.25 8.47
N LEU B 544 18.06 -8.24 8.50
CA LEU B 544 17.28 -9.26 9.20
C LEU B 544 17.67 -10.65 8.70
N GLN B 545 17.74 -10.79 7.38
CA GLN B 545 18.09 -12.06 6.76
C GLN B 545 19.52 -12.48 7.07
N ALA B 546 20.45 -11.54 6.98
CA ALA B 546 21.86 -11.84 7.24
C ALA B 546 22.22 -12.06 8.70
N GLU B 547 21.78 -11.17 9.59
CA GLU B 547 22.10 -11.28 11.02
C GLU B 547 21.13 -12.14 11.82
N GLN B 548 19.90 -12.27 11.34
CA GLN B 548 18.90 -13.09 12.01
C GLN B 548 18.64 -12.67 13.46
N PRO B 549 18.52 -11.35 13.73
CA PRO B 549 18.26 -10.87 15.09
C PRO B 549 16.86 -11.26 15.56
N ARG B 550 16.51 -10.91 16.79
CA ARG B 550 15.19 -11.24 17.30
C ARG B 550 14.19 -10.14 16.98
N VAL B 551 13.95 -9.94 15.69
CA VAL B 551 13.02 -8.93 15.24
C VAL B 551 12.31 -9.32 13.95
N ARG B 552 11.05 -8.94 13.87
CA ARG B 552 10.21 -9.19 12.70
C ARG B 552 9.64 -7.88 12.21
N MET B 553 9.67 -7.67 10.90
CA MET B 553 9.09 -6.47 10.33
C MET B 553 7.65 -6.91 10.13
N ILE B 554 6.71 -6.33 10.87
CA ILE B 554 5.32 -6.75 10.75
C ILE B 554 4.36 -5.85 9.99
N MET B 555 4.72 -4.58 9.78
CA MET B 555 3.85 -3.65 9.06
C MET B 555 4.57 -2.51 8.36
N GLN B 556 3.86 -1.92 7.41
CA GLN B 556 4.34 -0.76 6.69
C GLN B 556 3.05 0.01 6.51
N VAL B 557 2.98 1.18 7.13
CA VAL B 557 1.80 2.01 7.03
C VAL B 557 2.28 3.46 6.96
N HIS B 558 1.77 4.18 5.97
CA HIS B 558 2.16 5.57 5.78
C HIS B 558 3.68 5.62 5.67
N ASP B 559 4.33 6.44 6.47
CA ASP B 559 5.79 6.52 6.37
C ASP B 559 6.52 5.82 7.50
N GLU B 560 5.91 4.78 8.06
CA GLU B 560 6.54 4.07 9.15
C GLU B 560 6.64 2.56 8.91
N LEU B 561 7.67 1.97 9.54
CA LEU B 561 7.88 0.53 9.48
C LEU B 561 7.68 0.11 10.93
N VAL B 562 6.93 -0.96 11.13
CA VAL B 562 6.65 -1.45 12.47
C VAL B 562 7.26 -2.84 12.63
N PHE B 563 7.83 -3.10 13.80
CA PHE B 563 8.46 -4.38 14.08
C PHE B 563 8.04 -4.90 15.44
N GLU B 564 8.48 -6.13 15.70
CA GLU B 564 8.30 -6.79 16.97
C GLU B 564 9.77 -6.98 17.33
N VAL B 565 10.18 -6.53 18.51
CA VAL B 565 11.57 -6.66 18.92
C VAL B 565 11.61 -7.25 20.31
N HIS B 566 12.56 -8.13 20.55
CA HIS B 566 12.67 -8.73 21.87
C HIS B 566 13.00 -7.62 22.87
N LYS B 567 12.34 -7.65 24.03
CA LYS B 567 12.54 -6.64 25.04
C LYS B 567 13.99 -6.43 25.48
N ASP B 568 14.79 -7.48 25.45
CA ASP B 568 16.19 -7.37 25.85
C ASP B 568 17.10 -6.87 24.71
N ASP B 569 16.54 -6.67 23.53
CA ASP B 569 17.36 -6.21 22.40
C ASP B 569 16.95 -4.86 21.83
N VAL B 570 15.91 -4.26 22.40
CA VAL B 570 15.39 -2.98 21.93
C VAL B 570 16.38 -1.85 21.64
N ASP B 571 17.35 -1.65 22.53
CA ASP B 571 18.31 -0.57 22.32
C ASP B 571 19.24 -0.77 21.14
N ALA B 572 19.90 -1.93 21.06
CA ALA B 572 20.79 -2.18 19.94
C ALA B 572 19.99 -2.18 18.64
N VAL B 573 18.84 -2.82 18.65
CA VAL B 573 18.00 -2.91 17.46
C VAL B 573 17.46 -1.55 17.02
N ALA B 574 17.00 -0.74 17.98
CA ALA B 574 16.49 0.59 17.66
C ALA B 574 17.58 1.40 16.98
N LYS B 575 18.81 1.26 17.46
CA LYS B 575 19.94 1.99 16.87
C LYS B 575 20.16 1.52 15.45
N GLN B 576 20.17 0.20 15.25
CA GLN B 576 20.40 -0.37 13.93
C GLN B 576 19.32 0.01 12.91
N ILE B 577 18.05 -0.14 13.28
CA ILE B 577 16.93 0.20 12.39
C ILE B 577 17.11 1.65 11.98
N HIS B 578 17.39 2.48 12.98
CA HIS B 578 17.59 3.90 12.77
C HIS B 578 18.67 4.22 11.75
N GLN B 579 19.85 3.63 11.90
CA GLN B 579 20.92 3.90 10.96
C GLN B 579 20.64 3.38 9.55
N LEU B 580 19.95 2.25 9.48
CA LEU B 580 19.63 1.66 8.18
C LEU B 580 18.66 2.51 7.38
N MET B 581 17.61 2.97 8.06
CA MET B 581 16.58 3.77 7.43
C MET B 581 16.99 5.17 7.01
N GLU B 582 17.80 5.87 7.81
CA GLU B 582 18.18 7.20 7.37
C GLU B 582 19.59 7.32 6.78
N ASN B 583 20.33 6.22 6.77
CA ASN B 583 21.67 6.27 6.22
C ASN B 583 21.96 5.22 5.16
N CYS B 584 20.97 4.41 4.80
CA CYS B 584 21.20 3.39 3.79
C CYS B 584 20.16 3.41 2.68
N THR B 585 19.59 4.58 2.47
CA THR B 585 18.60 4.81 1.43
C THR B 585 19.20 5.96 0.64
N ARG B 586 18.41 6.98 0.30
CA ARG B 586 18.96 8.10 -0.44
C ARG B 586 19.79 8.98 0.49
N LEU B 587 20.91 9.49 -0.01
CA LEU B 587 21.79 10.34 0.77
C LEU B 587 21.59 11.82 0.46
N ASP B 588 20.67 12.14 -0.44
CA ASP B 588 20.45 13.54 -0.80
C ASP B 588 19.34 14.25 -0.02
N VAL B 589 18.19 13.59 0.15
CA VAL B 589 17.09 14.18 0.90
C VAL B 589 17.48 14.14 2.39
N PRO B 590 17.31 15.25 3.11
CA PRO B 590 17.68 15.23 4.54
C PRO B 590 16.61 14.42 5.28
N LEU B 591 16.98 13.22 5.72
CA LEU B 591 16.04 12.35 6.41
C LEU B 591 16.23 12.23 7.91
N LEU B 592 15.10 12.10 8.61
CA LEU B 592 15.10 11.94 10.05
C LEU B 592 14.18 10.78 10.40
N VAL B 593 14.68 9.83 11.17
CA VAL B 593 13.85 8.70 11.57
C VAL B 593 13.58 8.76 13.06
N GLU B 594 12.30 8.78 13.41
CA GLU B 594 11.86 8.83 14.80
C GLU B 594 11.55 7.39 15.20
N VAL B 595 12.25 6.86 16.19
CA VAL B 595 12.02 5.49 16.63
C VAL B 595 11.39 5.44 18.02
N GLY B 596 10.33 4.66 18.16
CA GLY B 596 9.65 4.52 19.43
C GLY B 596 9.28 3.08 19.72
N SER B 597 8.90 2.80 20.96
CA SER B 597 8.54 1.43 21.34
C SER B 597 7.51 1.40 22.46
N GLY B 598 6.88 0.24 22.63
CA GLY B 598 5.89 0.07 23.67
C GLY B 598 5.31 -1.34 23.62
N GLU B 599 4.32 -1.62 24.44
CA GLU B 599 3.69 -2.93 24.49
C GLU B 599 2.74 -3.15 23.33
N ASN B 600 2.32 -2.06 22.70
CA ASN B 600 1.42 -2.17 21.57
C ASN B 600 1.75 -1.09 20.56
N TRP B 601 1.10 -1.17 19.40
CA TRP B 601 1.34 -0.20 18.35
C TRP B 601 1.02 1.22 18.80
N ASP B 602 -0.05 1.41 19.57
CA ASP B 602 -0.40 2.76 20.03
C ASP B 602 0.73 3.37 20.87
N GLN B 603 1.31 2.57 21.77
CA GLN B 603 2.40 3.04 22.63
C GLN B 603 3.66 3.37 21.86
N ALA B 604 3.96 2.58 20.83
CA ALA B 604 5.16 2.79 20.04
C ALA B 604 4.97 3.90 19.01
N HIS B 605 3.72 4.11 18.63
CA HIS B 605 3.33 5.09 17.63
C HIS B 605 3.53 6.53 18.13
ZN ZN C . -1.54 -19.86 -12.11
ZN ZN D . 19.97 9.87 13.11
ZN ZN E . 3.61 11.28 4.47
MG MG F . 6.99 25.10 3.62
ZN ZN G . 1.82 6.80 11.39
S SO4 H . 16.96 7.33 -20.64
O1 SO4 H . 17.60 8.01 -21.79
O2 SO4 H . 15.58 7.88 -20.43
O3 SO4 H . 17.75 7.56 -19.40
O4 SO4 H . 16.89 5.87 -20.93
S SO4 I . 2.60 17.85 13.74
O1 SO4 I . 2.67 18.09 12.26
O2 SO4 I . 3.88 18.31 14.35
O3 SO4 I . 2.43 16.40 14.00
O4 SO4 I . 1.46 18.58 14.34
S SO4 J . 17.03 -13.49 -5.38
O1 SO4 J . 17.36 -12.67 -6.58
O2 SO4 J . 15.55 -13.57 -5.23
O3 SO4 J . 17.61 -12.85 -4.17
O4 SO4 J . 17.63 -14.84 -5.54
S SO4 K . 16.81 -38.62 -7.09
O1 SO4 K . 17.14 -37.17 -7.03
O2 SO4 K . 15.44 -38.84 -6.58
O3 SO4 K . 17.76 -39.40 -6.25
O4 SO4 K . 16.90 -39.09 -8.51
#